data_1B77
#
_entry.id   1B77
#
_cell.length_a   65.900
_cell.length_b   87.600
_cell.length_c   138.200
_cell.angle_alpha   90.00
_cell.angle_beta   90.00
_cell.angle_gamma   90.00
#
_symmetry.space_group_name_H-M   'P 21 21 21'
#
loop_
_entity.id
_entity.type
_entity.pdbx_description
1 polymer 'PROTEIN (SLIDING CLAMP)'
2 water water
#
_entity_poly.entity_id   1
_entity_poly.type   'polypeptide(L)'
_entity_poly.pdbx_seq_one_letter_code
;MKLSKDTIAILKNFASINSGILLSQGKFIMTRAVNGTTYAEANISDEIDFDVALYDLNSFLSILSLVSDDAEISMHTDGN
IKIADTRSTVYWPAADKSTIVFPNKPIQFPVASVITEIKAEDLQQLLRVSRGLQIDTIAITNKDGKIVINGYNKVEDSGL
TRPKYSLTLTDYDGSNNFNFVINMANMKIQPGNYKVMLWGAGDKVAAKFESSQVSYVIAMEADSTHDF
;
_entity_poly.pdbx_strand_id   A,B,C
#
# COMPACT_ATOMS: atom_id res chain seq x y z
N MET A 1 33.78 4.07 8.68
CA MET A 1 32.76 4.66 9.58
C MET A 1 31.54 3.77 9.68
N LYS A 2 30.70 4.03 10.68
CA LYS A 2 29.48 3.27 10.88
C LYS A 2 28.31 4.22 11.05
N LEU A 3 27.15 3.82 10.54
CA LEU A 3 25.95 4.64 10.68
C LEU A 3 24.91 3.89 11.50
N SER A 4 24.55 4.47 12.65
CA SER A 4 23.56 3.87 13.52
C SER A 4 22.17 4.19 12.97
N LYS A 5 21.15 3.49 13.48
CA LYS A 5 19.77 3.69 13.04
C LYS A 5 19.25 5.10 13.33
N ASP A 6 19.72 5.71 14.41
CA ASP A 6 19.29 7.06 14.76
C ASP A 6 19.81 8.04 13.70
N THR A 7 21.10 7.89 13.38
CA THR A 7 21.72 8.74 12.38
C THR A 7 21.00 8.51 11.05
N ILE A 8 20.81 7.24 10.70
CA ILE A 8 20.14 6.86 9.47
C ILE A 8 18.75 7.48 9.36
N ALA A 9 18.03 7.50 10.47
CA ALA A 9 16.69 8.07 10.47
C ALA A 9 16.73 9.57 10.20
N ILE A 10 17.74 10.26 10.72
CA ILE A 10 17.82 11.70 10.48
C ILE A 10 18.25 11.95 9.04
N LEU A 11 19.13 11.09 8.52
CA LEU A 11 19.58 11.24 7.14
C LEU A 11 18.42 11.03 6.18
N LYS A 12 17.46 10.20 6.58
CA LYS A 12 16.31 9.94 5.75
C LYS A 12 15.42 11.20 5.70
N ASN A 13 15.36 11.94 6.79
CA ASN A 13 14.57 13.18 6.79
C ASN A 13 15.27 14.19 5.87
N PHE A 14 16.60 14.21 5.90
CA PHE A 14 17.38 15.10 5.06
C PHE A 14 17.17 14.80 3.56
N ALA A 15 17.13 13.52 3.20
CA ALA A 15 16.94 13.13 1.80
C ALA A 15 15.62 13.66 1.24
N SER A 16 14.65 13.93 2.11
CA SER A 16 13.37 14.45 1.65
C SER A 16 13.53 15.95 1.36
N ILE A 17 14.61 16.55 1.88
CA ILE A 17 14.86 17.97 1.66
C ILE A 17 15.69 18.14 0.39
N ASN A 18 16.66 17.25 0.20
CA ASN A 18 17.55 17.25 -0.96
C ASN A 18 17.89 15.77 -1.16
N SER A 19 17.60 15.24 -2.34
CA SER A 19 17.87 13.83 -2.62
C SER A 19 19.34 13.46 -2.54
N GLY A 20 20.21 14.45 -2.57
CA GLY A 20 21.64 14.19 -2.49
C GLY A 20 22.25 14.87 -1.29
N ILE A 21 23.50 14.55 -0.98
CA ILE A 21 24.15 15.19 0.15
C ILE A 21 25.66 15.08 0.14
N LEU A 22 26.32 15.99 0.84
CA LEU A 22 27.76 15.92 0.96
C LEU A 22 28.04 15.62 2.43
N LEU A 23 28.68 14.49 2.71
CA LEU A 23 29.02 14.14 4.08
C LEU A 23 30.46 14.58 4.29
N SER A 24 30.72 15.24 5.43
CA SER A 24 32.06 15.72 5.77
C SER A 24 32.50 15.10 7.09
N GLN A 25 33.80 14.85 7.20
CA GLN A 25 34.35 14.25 8.41
C GLN A 25 33.92 15.05 9.65
N GLY A 26 33.56 14.32 10.71
CA GLY A 26 33.12 14.93 11.95
C GLY A 26 31.85 14.26 12.42
N LYS A 27 31.22 14.81 13.46
CA LYS A 27 29.97 14.24 13.96
C LYS A 27 28.86 15.21 13.64
N PHE A 28 28.95 15.82 12.46
CA PHE A 28 27.97 16.81 12.04
C PHE A 28 27.49 16.61 10.59
N ILE A 29 26.19 16.79 10.39
CA ILE A 29 25.60 16.67 9.06
C ILE A 29 24.68 17.86 8.78
N MET A 30 24.60 18.22 7.51
CA MET A 30 23.74 19.32 7.10
C MET A 30 23.37 19.17 5.62
N THR A 31 22.30 19.83 5.24
CA THR A 31 21.86 19.79 3.85
C THR A 31 21.02 21.03 3.59
N ARG A 32 20.81 21.31 2.32
CA ARG A 32 20.00 22.46 1.94
C ARG A 32 19.31 22.12 0.62
N ALA A 33 18.05 22.53 0.50
CA ALA A 33 17.28 22.26 -0.71
C ALA A 33 17.87 22.93 -1.94
N VAL A 34 17.64 22.32 -3.10
CA VAL A 34 18.13 22.86 -4.35
C VAL A 34 17.62 24.29 -4.53
N ASN A 35 16.37 24.53 -4.14
CA ASN A 35 15.77 25.86 -4.29
C ASN A 35 16.11 26.79 -3.12
N GLY A 36 16.97 26.31 -2.22
CA GLY A 36 17.39 27.11 -1.09
C GLY A 36 16.40 27.49 -0.01
N THR A 37 15.17 27.01 -0.10
CA THR A 37 14.15 27.33 0.88
C THR A 37 14.29 26.66 2.26
N THR A 38 14.78 25.42 2.28
CA THR A 38 14.92 24.70 3.53
C THR A 38 16.33 24.21 3.86
N TYR A 39 16.77 24.46 5.09
CA TYR A 39 18.10 24.05 5.56
C TYR A 39 17.93 23.14 6.78
N ALA A 40 18.81 22.15 6.91
CA ALA A 40 18.76 21.24 8.05
C ALA A 40 20.16 20.86 8.51
N GLU A 41 20.31 20.69 9.82
CA GLU A 41 21.59 20.32 10.40
C GLU A 41 21.38 19.56 11.69
N ALA A 42 22.37 18.75 12.05
CA ALA A 42 22.26 17.96 13.27
C ALA A 42 23.59 17.36 13.70
N ASN A 43 23.75 17.23 15.01
CA ASN A 43 24.93 16.63 15.60
C ASN A 43 24.56 15.15 15.72
N ILE A 44 25.48 14.27 15.33
CA ILE A 44 25.22 12.84 15.39
C ILE A 44 26.22 12.13 16.29
N SER A 45 25.92 10.89 16.65
CA SER A 45 26.80 10.13 17.55
C SER A 45 27.84 9.32 16.78
N ASP A 46 27.71 9.28 15.46
CA ASP A 46 28.66 8.56 14.62
C ASP A 46 29.71 9.51 14.07
N GLU A 47 30.91 8.99 13.84
CA GLU A 47 31.98 9.82 13.31
C GLU A 47 32.19 9.56 11.82
N ILE A 48 32.00 10.58 11.00
CA ILE A 48 32.22 10.44 9.57
C ILE A 48 33.73 10.54 9.35
N ASP A 49 34.34 9.50 8.79
CA ASP A 49 35.79 9.48 8.59
C ASP A 49 36.33 9.66 7.18
N PHE A 50 35.49 10.11 6.26
CA PHE A 50 35.94 10.39 4.90
C PHE A 50 34.89 11.26 4.25
N ASP A 51 35.32 12.13 3.34
CA ASP A 51 34.39 13.01 2.66
C ASP A 51 33.90 12.37 1.37
N VAL A 52 32.60 12.44 1.14
CA VAL A 52 32.04 11.83 -0.06
C VAL A 52 30.65 12.39 -0.33
N ALA A 53 30.37 12.61 -1.61
CA ALA A 53 29.08 13.12 -2.03
C ALA A 53 28.20 11.98 -2.49
N LEU A 54 26.94 12.02 -2.09
CA LEU A 54 25.97 11.01 -2.48
C LEU A 54 24.88 11.65 -3.34
N TYR A 55 24.67 11.12 -4.53
CA TYR A 55 23.66 11.62 -5.47
C TYR A 55 22.25 11.20 -5.07
N ASP A 56 22.12 9.96 -4.59
CA ASP A 56 20.83 9.42 -4.19
C ASP A 56 20.91 8.88 -2.76
N LEU A 57 20.88 9.79 -1.81
CA LEU A 57 20.97 9.46 -0.40
C LEU A 57 19.92 8.46 0.08
N ASN A 58 18.69 8.63 -0.38
CA ASN A 58 17.64 7.72 0.07
C ASN A 58 17.89 6.26 -0.28
N SER A 59 18.29 6.00 -1.53
CA SER A 59 18.55 4.63 -1.97
C SER A 59 19.76 4.05 -1.25
N PHE A 60 20.72 4.91 -0.94
CA PHE A 60 21.92 4.51 -0.20
C PHE A 60 21.48 4.00 1.16
N LEU A 61 20.72 4.83 1.88
CA LEU A 61 20.22 4.47 3.20
C LEU A 61 19.43 3.15 3.17
N SER A 62 18.56 2.99 2.18
CA SER A 62 17.77 1.77 2.05
C SER A 62 18.71 0.56 1.92
N ILE A 63 19.80 0.73 1.19
CA ILE A 63 20.75 -0.35 1.02
C ILE A 63 21.39 -0.77 2.35
N LEU A 64 21.55 0.19 3.26
CA LEU A 64 22.15 -0.12 4.56
C LEU A 64 21.22 -1.00 5.39
N SER A 65 19.93 -0.95 5.08
CA SER A 65 18.96 -1.75 5.82
C SER A 65 19.10 -3.24 5.49
N LEU A 66 19.81 -3.55 4.39
CA LEU A 66 19.99 -4.93 3.95
C LEU A 66 21.26 -5.61 4.45
N VAL A 67 22.10 -4.87 5.19
CA VAL A 67 23.34 -5.44 5.72
C VAL A 67 23.40 -5.35 7.25
N SER A 68 24.43 -5.97 7.83
CA SER A 68 24.60 -5.94 9.29
C SER A 68 24.62 -4.51 9.80
N ASP A 69 23.91 -4.27 10.90
CA ASP A 69 23.83 -2.94 11.50
C ASP A 69 25.21 -2.33 11.79
N ASP A 70 26.23 -3.18 11.90
CA ASP A 70 27.57 -2.67 12.19
C ASP A 70 28.47 -2.72 10.96
N ALA A 71 27.85 -2.79 9.79
CA ALA A 71 28.61 -2.82 8.54
C ALA A 71 29.55 -1.63 8.49
N GLU A 72 30.81 -1.88 8.20
CA GLU A 72 31.82 -0.84 8.12
C GLU A 72 31.79 -0.23 6.72
N ILE A 73 31.70 1.09 6.64
CA ILE A 73 31.69 1.74 5.34
C ILE A 73 32.88 2.67 5.20
N SER A 74 33.53 2.60 4.04
CA SER A 74 34.70 3.42 3.76
C SER A 74 34.82 3.66 2.26
N MET A 75 35.85 4.40 1.87
CA MET A 75 36.05 4.69 0.45
C MET A 75 36.90 3.58 -0.18
N HIS A 76 36.41 3.06 -1.29
CA HIS A 76 37.08 1.99 -2.00
C HIS A 76 38.22 2.50 -2.88
N THR A 77 39.02 1.55 -3.36
CA THR A 77 40.16 1.83 -4.21
C THR A 77 39.83 2.67 -5.45
N ASP A 78 38.62 2.52 -5.97
CA ASP A 78 38.22 3.28 -7.16
C ASP A 78 37.60 4.65 -6.89
N GLY A 79 37.59 5.08 -5.62
CA GLY A 79 37.00 6.36 -5.28
C GLY A 79 35.53 6.26 -4.90
N ASN A 80 34.96 5.06 -5.02
CA ASN A 80 33.56 4.83 -4.68
C ASN A 80 33.45 4.35 -3.24
N ILE A 81 32.22 4.11 -2.79
CA ILE A 81 32.00 3.68 -1.43
C ILE A 81 31.90 2.17 -1.27
N LYS A 82 32.53 1.65 -0.23
CA LYS A 82 32.49 0.23 0.08
C LYS A 82 31.76 -0.03 1.39
N ILE A 83 30.84 -1.00 1.36
CA ILE A 83 30.08 -1.36 2.55
C ILE A 83 30.43 -2.82 2.87
N ALA A 84 31.24 -3.00 3.91
CA ALA A 84 31.69 -4.32 4.32
C ALA A 84 30.75 -5.02 5.30
N ASP A 85 30.17 -6.13 4.83
CA ASP A 85 29.26 -6.93 5.65
C ASP A 85 29.94 -8.26 6.00
N THR A 86 29.27 -9.10 6.80
CA THR A 86 29.86 -10.38 7.21
C THR A 86 30.49 -11.21 6.08
N ARG A 87 29.68 -11.67 5.13
CA ARG A 87 30.20 -12.47 4.01
C ARG A 87 30.05 -11.79 2.66
N SER A 88 29.64 -10.53 2.65
CA SER A 88 29.44 -9.84 1.39
C SER A 88 29.93 -8.42 1.43
N THR A 89 29.92 -7.78 0.27
CA THR A 89 30.36 -6.40 0.12
C THR A 89 29.43 -5.68 -0.86
N VAL A 90 29.07 -4.44 -0.53
CA VAL A 90 28.21 -3.65 -1.39
C VAL A 90 28.97 -2.40 -1.78
N TYR A 91 29.06 -2.13 -3.08
CA TYR A 91 29.73 -0.94 -3.55
C TYR A 91 28.67 0.06 -3.98
N TRP A 92 28.86 1.33 -3.60
CA TRP A 92 27.90 2.38 -3.96
C TRP A 92 28.67 3.54 -4.59
N PRO A 93 28.13 4.10 -5.68
CA PRO A 93 28.81 5.21 -6.35
C PRO A 93 28.98 6.50 -5.55
N ALA A 94 30.18 7.07 -5.67
CA ALA A 94 30.53 8.34 -5.05
C ALA A 94 30.24 9.37 -6.13
N ALA A 95 29.45 10.38 -5.81
CA ALA A 95 29.10 11.39 -6.79
C ALA A 95 30.12 12.51 -6.93
N ASP A 96 30.19 13.10 -8.11
CA ASP A 96 31.09 14.21 -8.27
C ASP A 96 30.32 15.37 -7.64
N LYS A 97 31.01 16.13 -6.78
CA LYS A 97 30.40 17.25 -6.10
C LYS A 97 29.52 18.13 -6.97
N SER A 98 29.93 18.35 -8.22
CA SER A 98 29.18 19.23 -9.10
C SER A 98 27.76 18.78 -9.44
N THR A 99 27.43 17.53 -9.14
CA THR A 99 26.08 17.00 -9.45
C THR A 99 25.07 17.03 -8.33
N ILE A 100 25.42 17.67 -7.22
CA ILE A 100 24.50 17.79 -6.08
C ILE A 100 24.63 19.19 -5.54
N VAL A 101 23.60 19.67 -4.85
CA VAL A 101 23.64 21.00 -4.26
C VAL A 101 23.85 20.82 -2.76
N PHE A 102 24.76 21.60 -2.18
CA PHE A 102 25.05 21.46 -0.76
C PHE A 102 25.56 22.75 -0.11
N PRO A 103 25.37 22.89 1.20
CA PRO A 103 25.81 24.06 1.97
C PRO A 103 27.33 24.01 2.09
N ASN A 104 28.02 25.11 1.77
CA ASN A 104 29.49 25.11 1.89
C ASN A 104 29.91 25.38 3.33
N LYS A 105 28.96 25.87 4.13
CA LYS A 105 29.20 26.18 5.53
C LYS A 105 27.86 26.22 6.25
N PRO A 106 27.83 25.82 7.53
CA PRO A 106 26.57 25.83 8.29
C PRO A 106 25.95 27.22 8.37
N ILE A 107 24.65 27.26 8.64
CA ILE A 107 23.95 28.53 8.76
C ILE A 107 24.03 29.05 10.18
N GLN A 108 24.37 30.33 10.30
CA GLN A 108 24.44 30.97 11.61
C GLN A 108 23.21 31.84 11.65
N PHE A 109 22.17 31.34 12.33
CA PHE A 109 20.89 32.06 12.42
C PHE A 109 20.97 33.31 13.29
N PRO A 110 20.44 34.44 12.78
CA PRO A 110 20.46 35.69 13.55
C PRO A 110 19.66 35.63 14.85
N VAL A 111 19.84 36.63 15.70
CA VAL A 111 19.11 36.69 16.97
C VAL A 111 17.62 36.80 16.65
N ALA A 112 16.82 35.96 17.28
CA ALA A 112 15.38 35.93 17.02
C ALA A 112 14.62 37.20 17.38
N SER A 113 13.61 37.50 16.57
CA SER A 113 12.77 38.67 16.79
C SER A 113 11.69 38.25 17.78
N VAL A 114 11.26 36.99 17.68
CA VAL A 114 10.25 36.43 18.58
C VAL A 114 10.47 34.93 18.71
N ILE A 115 10.21 34.39 19.89
CA ILE A 115 10.37 32.96 20.11
C ILE A 115 9.07 32.32 20.56
N THR A 116 8.74 31.18 19.98
CA THR A 116 7.54 30.43 20.36
C THR A 116 7.90 28.96 20.28
N GLU A 117 6.90 28.09 20.30
CA GLU A 117 7.16 26.66 20.23
C GLU A 117 5.94 25.86 19.85
N ILE A 118 6.17 24.69 19.26
CA ILE A 118 5.07 23.82 18.85
C ILE A 118 5.36 22.41 19.38
N LYS A 119 4.33 21.80 19.98
CA LYS A 119 4.46 20.47 20.55
C LYS A 119 4.32 19.41 19.45
N ALA A 120 4.82 18.21 19.73
CA ALA A 120 4.78 17.10 18.79
C ALA A 120 3.40 16.79 18.18
N GLU A 121 2.36 16.69 18.99
CA GLU A 121 1.04 16.39 18.45
C GLU A 121 0.49 17.55 17.62
N ASP A 122 0.68 18.76 18.11
CA ASP A 122 0.23 19.95 17.41
C ASP A 122 0.88 19.99 16.02
N LEU A 123 2.20 19.77 15.96
CA LEU A 123 2.90 19.75 14.68
C LEU A 123 2.31 18.64 13.82
N GLN A 124 2.16 17.47 14.40
CA GLN A 124 1.60 16.33 13.71
C GLN A 124 0.21 16.65 13.14
N GLN A 125 -0.62 17.36 13.91
CA GLN A 125 -1.95 17.70 13.43
C GLN A 125 -1.90 18.71 12.29
N LEU A 126 -1.05 19.71 12.42
CA LEU A 126 -0.91 20.73 11.37
C LEU A 126 -0.53 20.08 10.05
N LEU A 127 0.43 19.15 10.10
CA LEU A 127 0.88 18.46 8.90
C LEU A 127 -0.19 17.49 8.37
N ARG A 128 -0.89 16.82 9.28
CA ARG A 128 -1.93 15.87 8.88
C ARG A 128 -3.10 16.56 8.21
N VAL A 129 -3.65 17.59 8.86
CA VAL A 129 -4.80 18.28 8.31
C VAL A 129 -4.49 19.21 7.12
N SER A 130 -3.28 19.75 7.07
CA SER A 130 -2.92 20.63 5.95
C SER A 130 -3.14 19.93 4.61
N ARG A 131 -2.75 18.67 4.53
CA ARG A 131 -2.91 17.91 3.30
C ARG A 131 -4.38 17.67 2.94
N GLY A 132 -5.22 17.49 3.96
CA GLY A 132 -6.63 17.24 3.73
C GLY A 132 -7.48 18.44 3.37
N LEU A 133 -6.99 19.64 3.68
CA LEU A 133 -7.72 20.88 3.38
C LEU A 133 -6.96 21.71 2.35
N GLN A 134 -6.01 21.07 1.67
CA GLN A 134 -5.20 21.74 0.66
C GLN A 134 -4.57 23.01 1.18
N ILE A 135 -4.03 22.95 2.39
CA ILE A 135 -3.37 24.12 2.97
C ILE A 135 -1.95 24.10 2.40
N ASP A 136 -1.63 25.10 1.59
CA ASP A 136 -0.31 25.17 0.97
C ASP A 136 0.56 26.26 1.60
N THR A 137 -0.01 27.01 2.54
CA THR A 137 0.73 28.08 3.19
C THR A 137 0.17 28.38 4.57
N ILE A 138 1.07 28.64 5.51
CA ILE A 138 0.65 28.98 6.87
C ILE A 138 1.23 30.33 7.22
N ALA A 139 0.62 30.98 8.21
CA ALA A 139 1.07 32.28 8.68
C ALA A 139 1.14 32.28 10.19
N ILE A 140 2.30 32.63 10.74
CA ILE A 140 2.47 32.68 12.18
C ILE A 140 2.33 34.15 12.56
N THR A 141 1.31 34.45 13.35
CA THR A 141 1.04 35.83 13.72
C THR A 141 0.66 36.06 15.18
N ASN A 142 0.70 37.31 15.61
CA ASN A 142 0.34 37.67 16.98
C ASN A 142 -1.13 38.01 17.00
N LYS A 143 -1.87 37.35 17.89
CA LYS A 143 -3.30 37.58 18.00
C LYS A 143 -3.82 37.35 19.41
N ASP A 144 -4.60 38.32 19.89
CA ASP A 144 -5.21 38.27 21.22
C ASP A 144 -4.29 37.80 22.34
N GLY A 145 -3.07 38.31 22.36
CA GLY A 145 -2.13 37.93 23.41
C GLY A 145 -1.52 36.55 23.23
N LYS A 146 -1.63 36.01 22.02
CA LYS A 146 -1.08 34.69 21.72
C LYS A 146 -0.44 34.65 20.34
N ILE A 147 0.43 33.66 20.13
CA ILE A 147 1.06 33.49 18.84
C ILE A 147 0.21 32.40 18.21
N VAL A 148 -0.24 32.63 16.98
CA VAL A 148 -1.07 31.64 16.32
C VAL A 148 -0.59 31.29 14.92
N ILE A 149 -0.94 30.09 14.48
CA ILE A 149 -0.60 29.62 13.13
C ILE A 149 -1.90 29.45 12.37
N ASN A 150 -2.07 30.22 11.30
CA ASN A 150 -3.26 30.11 10.46
C ASN A 150 -2.87 29.41 9.15
N GLY A 151 -3.72 28.49 8.70
CA GLY A 151 -3.43 27.78 7.47
C GLY A 151 -4.36 28.22 6.35
N TYR A 152 -3.80 28.46 5.17
CA TYR A 152 -4.60 28.91 4.03
C TYR A 152 -4.34 28.12 2.76
N ASN A 153 -5.18 28.37 1.76
CA ASN A 153 -5.03 27.74 0.46
C ASN A 153 -4.73 28.90 -0.47
N LYS A 154 -3.45 29.24 -0.57
CA LYS A 154 -2.96 30.35 -1.39
C LYS A 154 -3.56 30.38 -2.80
N VAL A 155 -3.78 29.21 -3.38
CA VAL A 155 -4.34 29.12 -4.72
C VAL A 155 -5.69 29.82 -4.88
N GLU A 156 -6.64 29.46 -4.02
CA GLU A 156 -7.97 30.06 -4.09
C GLU A 156 -8.14 31.23 -3.12
N ASP A 157 -7.09 31.54 -2.37
CA ASP A 157 -7.13 32.63 -1.39
C ASP A 157 -5.84 33.42 -1.47
N SER A 158 -5.60 33.96 -2.66
CA SER A 158 -4.40 34.75 -2.95
C SER A 158 -3.97 35.75 -1.88
N GLY A 159 -4.92 36.27 -1.09
CA GLY A 159 -4.56 37.24 -0.05
C GLY A 159 -4.45 36.73 1.38
N LEU A 160 -4.65 35.43 1.56
CA LEU A 160 -4.56 34.82 2.89
C LEU A 160 -5.48 35.51 3.89
N THR A 161 -6.77 35.49 3.62
CA THR A 161 -7.74 36.14 4.51
C THR A 161 -8.82 35.16 4.98
N ARG A 162 -8.75 33.93 4.49
CA ARG A 162 -9.71 32.92 4.87
C ARG A 162 -9.01 31.67 5.37
N PRO A 163 -8.68 31.64 6.67
CA PRO A 163 -8.01 30.46 7.22
C PRO A 163 -8.93 29.26 7.28
N LYS A 164 -8.39 28.10 6.89
CA LYS A 164 -9.14 26.86 6.90
C LYS A 164 -8.76 26.10 8.18
N TYR A 165 -7.70 26.57 8.82
CA TYR A 165 -7.20 25.96 10.04
C TYR A 165 -6.49 26.98 10.94
N SER A 166 -6.54 26.74 12.24
CA SER A 166 -5.91 27.64 13.19
C SER A 166 -5.42 26.91 14.42
N LEU A 167 -4.15 27.13 14.77
CA LEU A 167 -3.55 26.48 15.93
C LEU A 167 -2.90 27.53 16.84
N THR A 168 -3.27 27.50 18.12
CA THR A 168 -2.72 28.42 19.11
C THR A 168 -1.45 27.82 19.71
N LEU A 169 -0.40 28.63 19.80
CA LEU A 169 0.86 28.13 20.35
C LEU A 169 1.12 28.60 21.78
N THR A 170 1.78 29.74 21.92
CA THR A 170 2.12 30.30 23.23
C THR A 170 1.57 31.71 23.43
N ASP A 171 1.74 32.22 24.65
CA ASP A 171 1.27 33.56 24.99
C ASP A 171 2.27 34.58 24.48
N TYR A 172 1.76 35.73 24.04
CA TYR A 172 2.63 36.79 23.54
C TYR A 172 2.21 38.13 24.10
N ASP A 173 3.05 38.67 24.99
CA ASP A 173 2.77 39.95 25.63
C ASP A 173 3.59 41.05 25.00
N GLY A 174 4.34 40.69 23.96
CA GLY A 174 5.19 41.64 23.28
C GLY A 174 4.51 42.87 22.71
N SER A 175 5.37 43.78 22.27
CA SER A 175 4.96 45.05 21.70
C SER A 175 4.79 45.01 20.17
N ASN A 176 5.63 44.26 19.48
CA ASN A 176 5.59 44.17 18.02
C ASN A 176 4.41 43.40 17.43
N ASN A 177 4.22 43.56 16.11
CA ASN A 177 3.17 42.88 15.33
C ASN A 177 3.86 42.16 14.17
N PHE A 178 3.27 41.07 13.68
CA PHE A 178 3.89 40.33 12.60
C PHE A 178 2.98 39.26 12.02
N ASN A 179 3.22 38.94 10.76
CA ASN A 179 2.47 37.91 10.03
C ASN A 179 3.47 37.22 9.11
N PHE A 180 4.23 36.28 9.68
CA PHE A 180 5.24 35.55 8.92
C PHE A 180 4.61 34.42 8.12
N VAL A 181 4.82 34.47 6.81
CA VAL A 181 4.25 33.48 5.90
C VAL A 181 5.23 32.39 5.48
N ILE A 182 4.80 31.13 5.60
CA ILE A 182 5.63 30.00 5.23
C ILE A 182 4.97 29.07 4.22
N ASN A 183 5.71 28.70 3.19
CA ASN A 183 5.21 27.80 2.17
C ASN A 183 5.23 26.41 2.81
N MET A 184 4.05 25.83 3.00
CA MET A 184 3.96 24.53 3.64
C MET A 184 4.82 23.45 3.00
N ALA A 185 5.17 23.63 1.73
CA ALA A 185 6.00 22.64 1.04
C ALA A 185 7.41 22.59 1.61
N ASN A 186 7.80 23.58 2.40
CA ASN A 186 9.14 23.60 2.96
C ASN A 186 9.20 23.07 4.39
N MET A 187 8.04 22.68 4.93
CA MET A 187 7.98 22.16 6.30
C MET A 187 8.29 20.67 6.39
N LYS A 188 9.49 20.30 5.94
CA LYS A 188 9.93 18.90 5.96
C LYS A 188 10.49 18.58 7.35
N ILE A 189 9.77 19.01 8.37
CA ILE A 189 10.18 18.79 9.76
C ILE A 189 9.74 17.43 10.29
N GLN A 190 10.69 16.62 10.77
CA GLN A 190 10.34 15.31 11.31
C GLN A 190 9.57 15.47 12.62
N PRO A 191 8.76 14.47 13.02
CA PRO A 191 7.99 14.61 14.26
C PRO A 191 8.81 14.92 15.53
N GLY A 192 8.26 15.77 16.38
CA GLY A 192 8.93 16.16 17.61
C GLY A 192 8.48 17.50 18.16
N ASN A 193 9.08 17.91 19.28
CA ASN A 193 8.76 19.19 19.93
C ASN A 193 9.81 20.20 19.45
N TYR A 194 9.36 21.39 19.05
CA TYR A 194 10.29 22.38 18.56
C TYR A 194 10.17 23.77 19.16
N LYS A 195 11.33 24.40 19.33
CA LYS A 195 11.41 25.77 19.78
C LYS A 195 11.37 26.51 18.46
N VAL A 196 10.45 27.46 18.31
CA VAL A 196 10.33 28.21 17.06
C VAL A 196 10.84 29.63 17.16
N MET A 197 11.91 29.93 16.43
CA MET A 197 12.49 31.26 16.45
C MET A 197 12.25 31.99 15.12
N LEU A 198 11.52 33.09 15.20
CA LEU A 198 11.18 33.88 14.02
C LEU A 198 12.01 35.15 13.92
N TRP A 199 12.48 35.46 12.71
CA TRP A 199 13.32 36.63 12.49
C TRP A 199 12.94 37.45 11.28
N GLY A 200 12.92 38.77 11.48
CA GLY A 200 12.59 39.68 10.41
C GLY A 200 13.45 40.92 10.50
N ALA A 201 14.06 41.30 9.38
CA ALA A 201 14.90 42.49 9.31
C ALA A 201 14.67 43.07 7.92
N GLY A 202 13.71 43.98 7.82
CA GLY A 202 13.41 44.57 6.53
C GLY A 202 12.76 43.53 5.64
N ASP A 203 13.29 43.40 4.42
CA ASP A 203 12.78 42.46 3.44
C ASP A 203 13.28 41.03 3.70
N LYS A 204 14.04 40.84 4.77
CA LYS A 204 14.56 39.51 5.09
C LYS A 204 13.81 38.86 6.23
N VAL A 205 13.26 37.68 5.96
CA VAL A 205 12.51 36.94 6.95
C VAL A 205 12.90 35.46 6.90
N ALA A 206 13.01 34.84 8.06
CA ALA A 206 13.37 33.44 8.14
C ALA A 206 12.87 32.88 9.46
N ALA A 207 12.79 31.56 9.54
CA ALA A 207 12.34 30.88 10.74
C ALA A 207 13.27 29.71 11.05
N LYS A 208 13.39 29.41 12.34
CA LYS A 208 14.22 28.31 12.77
C LYS A 208 13.42 27.43 13.71
N PHE A 209 13.41 26.13 13.43
CA PHE A 209 12.71 25.17 14.27
C PHE A 209 13.77 24.27 14.88
N GLU A 210 13.86 24.30 16.20
CA GLU A 210 14.86 23.52 16.87
C GLU A 210 14.35 22.51 17.89
N SER A 211 14.84 21.28 17.75
CA SER A 211 14.49 20.21 18.66
C SER A 211 15.81 19.72 19.23
N SER A 212 15.74 18.72 20.10
CA SER A 212 16.95 18.18 20.70
C SER A 212 17.72 17.35 19.68
N GLN A 213 17.07 17.02 18.57
CA GLN A 213 17.69 16.21 17.53
C GLN A 213 18.08 16.93 16.24
N VAL A 214 17.25 17.85 15.79
CA VAL A 214 17.54 18.55 14.55
C VAL A 214 17.13 20.03 14.57
N SER A 215 17.83 20.84 13.78
CA SER A 215 17.52 22.26 13.65
C SER A 215 17.24 22.56 12.19
N TYR A 216 16.13 23.24 11.92
CA TYR A 216 15.79 23.59 10.54
C TYR A 216 15.68 25.09 10.40
N VAL A 217 16.10 25.60 9.24
CA VAL A 217 15.99 27.02 8.94
C VAL A 217 15.19 27.10 7.63
N ILE A 218 14.04 27.76 7.70
CA ILE A 218 13.20 27.88 6.54
C ILE A 218 12.97 29.34 6.15
N ALA A 219 13.20 29.64 4.88
CA ALA A 219 13.00 30.98 4.36
C ALA A 219 11.51 31.28 4.35
N MET A 220 11.15 32.52 4.62
CA MET A 220 9.75 32.90 4.62
C MET A 220 9.38 33.69 3.37
N GLU A 221 8.08 33.76 3.08
CA GLU A 221 7.58 34.43 1.89
C GLU A 221 7.68 35.95 1.86
N ALA A 222 7.64 36.49 0.64
CA ALA A 222 7.74 37.93 0.42
C ALA A 222 6.52 38.68 0.97
N ASP A 223 5.39 37.99 1.05
CA ASP A 223 4.18 38.63 1.57
C ASP A 223 4.16 38.68 3.09
N SER A 224 5.28 38.31 3.71
CA SER A 224 5.38 38.36 5.16
C SER A 224 5.48 39.84 5.53
N THR A 225 5.06 40.17 6.74
CA THR A 225 5.14 41.55 7.23
C THR A 225 5.42 41.52 8.73
N HIS A 226 6.22 42.48 9.20
CA HIS A 226 6.56 42.57 10.61
C HIS A 226 6.88 44.00 11.03
N ASP A 227 6.87 44.25 12.34
CA ASP A 227 7.16 45.56 12.91
C ASP A 227 8.63 45.73 13.27
N PHE A 228 9.31 44.62 13.55
CA PHE A 228 10.72 44.67 13.95
C PHE A 228 11.60 45.41 12.95
N MET B 1 -9.62 -32.93 -4.81
CA MET B 1 -8.37 -32.28 -4.35
C MET B 1 -8.57 -31.35 -3.17
N LYS B 2 -7.45 -31.08 -2.50
CA LYS B 2 -7.38 -30.16 -1.38
C LYS B 2 -5.98 -29.60 -1.46
N LEU B 3 -5.85 -28.28 -1.39
CA LEU B 3 -4.55 -27.63 -1.46
C LEU B 3 -4.22 -26.95 -0.14
N SER B 4 -3.15 -27.42 0.50
CA SER B 4 -2.71 -26.87 1.77
C SER B 4 -2.00 -25.54 1.58
N LYS B 5 -1.84 -24.80 2.67
CA LYS B 5 -1.17 -23.50 2.64
C LYS B 5 0.22 -23.65 2.03
N ASP B 6 0.87 -24.77 2.30
CA ASP B 6 2.20 -25.03 1.78
C ASP B 6 2.23 -25.20 0.26
N THR B 7 1.28 -25.96 -0.28
CA THR B 7 1.22 -26.17 -1.73
C THR B 7 0.85 -24.86 -2.42
N ILE B 8 -0.06 -24.12 -1.81
CA ILE B 8 -0.49 -22.84 -2.35
C ILE B 8 0.68 -21.86 -2.37
N ALA B 9 1.48 -21.89 -1.31
CA ALA B 9 2.64 -21.00 -1.22
C ALA B 9 3.58 -21.27 -2.39
N ILE B 10 3.82 -22.55 -2.66
CA ILE B 10 4.69 -22.94 -3.77
C ILE B 10 4.08 -22.53 -5.12
N LEU B 11 2.80 -22.81 -5.31
CA LEU B 11 2.13 -22.45 -6.55
C LEU B 11 2.21 -20.94 -6.83
N LYS B 12 2.17 -20.14 -5.78
CA LYS B 12 2.28 -18.69 -5.94
C LYS B 12 3.64 -18.32 -6.54
N ASN B 13 4.70 -18.95 -6.05
CA ASN B 13 6.01 -18.67 -6.59
C ASN B 13 6.02 -19.09 -8.05
N PHE B 14 5.37 -20.21 -8.34
CA PHE B 14 5.29 -20.72 -9.71
C PHE B 14 4.55 -19.73 -10.61
N ALA B 15 3.54 -19.05 -10.06
CA ALA B 15 2.77 -18.07 -10.84
C ALA B 15 3.61 -16.84 -11.21
N SER B 16 4.70 -16.63 -10.48
CA SER B 16 5.58 -15.48 -10.76
C SER B 16 6.47 -15.81 -11.96
N ILE B 17 6.64 -17.09 -12.23
CA ILE B 17 7.48 -17.55 -13.35
C ILE B 17 6.72 -17.72 -14.67
N ASN B 18 5.44 -18.09 -14.56
CA ASN B 18 4.56 -18.30 -15.71
C ASN B 18 3.14 -18.10 -15.15
N SER B 19 2.39 -17.16 -15.73
CA SER B 19 1.04 -16.88 -15.26
C SER B 19 0.10 -18.08 -15.28
N GLY B 20 0.37 -19.04 -16.17
CA GLY B 20 -0.49 -20.20 -16.24
C GLY B 20 0.21 -21.48 -15.81
N ILE B 21 -0.54 -22.57 -15.70
CA ILE B 21 0.07 -23.84 -15.32
C ILE B 21 -0.80 -25.02 -15.68
N LEU B 22 -0.19 -26.19 -15.74
CA LEU B 22 -0.90 -27.43 -16.01
C LEU B 22 -0.74 -28.37 -14.81
N LEU B 23 -1.85 -28.69 -14.17
CA LEU B 23 -1.82 -29.59 -13.03
C LEU B 23 -2.13 -31.01 -13.52
N SER B 24 -1.21 -31.94 -13.26
CA SER B 24 -1.38 -33.33 -13.65
C SER B 24 -1.55 -34.21 -12.40
N GLN B 25 -2.37 -35.25 -12.51
CA GLN B 25 -2.62 -36.15 -11.38
C GLN B 25 -1.31 -36.63 -10.76
N GLY B 26 -1.29 -36.69 -9.43
CA GLY B 26 -0.11 -37.12 -8.72
C GLY B 26 0.18 -36.13 -7.61
N LYS B 27 1.43 -36.12 -7.14
CA LYS B 27 1.87 -35.23 -6.09
C LYS B 27 3.12 -34.49 -6.53
N PHE B 28 3.13 -34.11 -7.81
CA PHE B 28 4.24 -33.41 -8.43
C PHE B 28 3.70 -32.24 -9.27
N ILE B 29 4.39 -31.11 -9.22
CA ILE B 29 4.01 -29.94 -9.99
C ILE B 29 5.25 -29.33 -10.61
N MET B 30 5.08 -28.74 -11.80
CA MET B 30 6.18 -28.09 -12.51
C MET B 30 5.68 -26.99 -13.42
N THR B 31 6.59 -26.11 -13.82
CA THR B 31 6.24 -25.03 -14.71
C THR B 31 7.51 -24.52 -15.39
N ARG B 32 7.35 -23.77 -16.47
CA ARG B 32 8.49 -23.18 -17.16
C ARG B 32 8.08 -21.82 -17.74
N ALA B 33 8.98 -20.85 -17.64
CA ALA B 33 8.73 -19.51 -18.16
C ALA B 33 8.44 -19.61 -19.65
N VAL B 34 7.62 -18.69 -20.16
CA VAL B 34 7.28 -18.71 -21.58
C VAL B 34 8.53 -18.52 -22.44
N ASN B 35 9.50 -17.74 -21.94
CA ASN B 35 10.74 -17.54 -22.71
C ASN B 35 11.77 -18.63 -22.46
N GLY B 36 11.37 -19.71 -21.78
CA GLY B 36 12.26 -20.84 -21.53
C GLY B 36 13.43 -20.66 -20.57
N THR B 37 13.59 -19.46 -20.00
CA THR B 37 14.70 -19.20 -19.09
C THR B 37 14.71 -19.96 -17.76
N THR B 38 13.55 -20.08 -17.11
CA THR B 38 13.51 -20.76 -15.83
C THR B 38 12.44 -21.84 -15.73
N TYR B 39 12.82 -22.93 -15.08
CA TYR B 39 11.96 -24.09 -14.88
C TYR B 39 11.92 -24.34 -13.37
N ALA B 40 10.80 -24.86 -12.89
CA ALA B 40 10.66 -25.14 -11.47
C ALA B 40 9.75 -26.35 -11.26
N GLU B 41 10.09 -27.16 -10.27
CA GLU B 41 9.33 -28.35 -9.96
C GLU B 41 9.30 -28.59 -8.46
N ALA B 42 8.32 -29.37 -8.01
CA ALA B 42 8.18 -29.69 -6.60
C ALA B 42 7.29 -30.89 -6.32
N ASN B 43 7.63 -31.63 -5.26
CA ASN B 43 6.82 -32.75 -4.83
C ASN B 43 6.02 -32.18 -3.68
N ILE B 44 4.70 -32.28 -3.78
CA ILE B 44 3.82 -31.74 -2.75
C ILE B 44 3.15 -32.86 -1.95
N SER B 45 2.57 -32.49 -0.81
CA SER B 45 1.90 -33.45 0.05
C SER B 45 0.44 -33.64 -0.34
N ASP B 46 -0.08 -32.76 -1.17
CA ASP B 46 -1.46 -32.84 -1.63
C ASP B 46 -1.54 -33.64 -2.92
N GLU B 47 -2.54 -34.51 -3.03
CA GLU B 47 -2.71 -35.33 -4.21
C GLU B 47 -3.63 -34.65 -5.23
N ILE B 48 -3.13 -34.43 -6.44
CA ILE B 48 -3.91 -33.83 -7.54
C ILE B 48 -4.70 -34.98 -8.17
N ASP B 49 -6.02 -34.97 -8.00
CA ASP B 49 -6.84 -36.07 -8.52
C ASP B 49 -7.51 -35.93 -9.87
N PHE B 50 -7.24 -34.85 -10.58
CA PHE B 50 -7.75 -34.66 -11.95
C PHE B 50 -6.82 -33.67 -12.64
N ASP B 51 -6.78 -33.75 -13.97
CA ASP B 51 -5.92 -32.86 -14.74
C ASP B 51 -6.67 -31.59 -15.13
N VAL B 52 -6.00 -30.46 -15.02
CA VAL B 52 -6.60 -29.17 -15.38
C VAL B 52 -5.54 -28.15 -15.69
N ALA B 53 -5.80 -27.32 -16.67
CA ALA B 53 -4.88 -26.26 -17.01
C ALA B 53 -5.47 -24.98 -16.45
N LEU B 54 -4.63 -24.11 -15.90
CA LEU B 54 -5.10 -22.83 -15.36
C LEU B 54 -4.48 -21.69 -16.15
N TYR B 55 -5.31 -20.79 -16.64
CA TYR B 55 -4.80 -19.66 -17.40
C TYR B 55 -4.20 -18.59 -16.49
N ASP B 56 -4.81 -18.39 -15.33
CA ASP B 56 -4.36 -17.36 -14.40
C ASP B 56 -4.23 -17.97 -13.01
N LEU B 57 -3.11 -18.64 -12.78
CA LEU B 57 -2.84 -19.29 -11.52
C LEU B 57 -2.92 -18.38 -10.30
N ASN B 58 -2.37 -17.19 -10.41
CA ASN B 58 -2.37 -16.26 -9.29
C ASN B 58 -3.76 -15.84 -8.81
N SER B 59 -4.65 -15.59 -9.74
CA SER B 59 -6.02 -15.19 -9.40
C SER B 59 -6.75 -16.39 -8.80
N PHE B 60 -6.44 -17.58 -9.29
CA PHE B 60 -7.05 -18.80 -8.77
C PHE B 60 -6.68 -18.94 -7.29
N LEU B 61 -5.38 -18.89 -7.01
CA LEU B 61 -4.88 -19.01 -5.65
C LEU B 61 -5.51 -17.98 -4.71
N SER B 62 -5.64 -16.72 -5.14
CA SER B 62 -6.23 -15.70 -4.29
C SER B 62 -7.68 -16.03 -3.93
N ILE B 63 -8.41 -16.64 -4.87
CA ILE B 63 -9.79 -17.03 -4.64
C ILE B 63 -9.89 -18.06 -3.52
N LEU B 64 -8.88 -18.94 -3.45
CA LEU B 64 -8.82 -19.97 -2.43
C LEU B 64 -8.69 -19.42 -1.01
N SER B 65 -8.09 -18.24 -0.88
CA SER B 65 -7.92 -17.61 0.43
C SER B 65 -9.27 -17.07 0.94
N LEU B 66 -10.29 -17.15 0.10
CA LEU B 66 -11.62 -16.66 0.47
C LEU B 66 -12.55 -17.77 0.92
N VAL B 67 -12.09 -19.02 0.83
CA VAL B 67 -12.90 -20.14 1.28
C VAL B 67 -12.13 -20.92 2.35
N SER B 68 -12.82 -21.87 2.98
CA SER B 68 -12.22 -22.69 4.01
C SER B 68 -10.94 -23.35 3.50
N ASP B 69 -10.02 -23.63 4.40
CA ASP B 69 -8.75 -24.27 4.02
C ASP B 69 -8.96 -25.70 3.56
N ASP B 70 -10.11 -26.29 3.92
CA ASP B 70 -10.39 -27.66 3.54
C ASP B 70 -11.39 -27.81 2.37
N ALA B 71 -11.67 -26.70 1.68
CA ALA B 71 -12.58 -26.72 0.55
C ALA B 71 -12.17 -27.82 -0.42
N GLU B 72 -13.15 -28.50 -1.00
CA GLU B 72 -12.88 -29.57 -1.96
C GLU B 72 -12.85 -29.01 -3.38
N ILE B 73 -11.77 -29.29 -4.09
CA ILE B 73 -11.61 -28.82 -5.46
C ILE B 73 -11.83 -29.97 -6.43
N SER B 74 -12.66 -29.76 -7.44
CA SER B 74 -12.95 -30.82 -8.39
C SER B 74 -13.42 -30.31 -9.75
N MET B 75 -13.60 -31.26 -10.66
CA MET B 75 -14.07 -30.99 -12.01
C MET B 75 -15.61 -30.89 -11.99
N HIS B 76 -16.14 -29.76 -12.43
CA HIS B 76 -17.59 -29.57 -12.45
C HIS B 76 -18.18 -30.31 -13.66
N THR B 77 -19.50 -30.43 -13.71
CA THR B 77 -20.16 -31.12 -14.83
C THR B 77 -20.00 -30.43 -16.17
N ASP B 78 -19.70 -29.13 -16.16
CA ASP B 78 -19.54 -28.38 -17.41
C ASP B 78 -18.10 -28.43 -17.92
N GLY B 79 -17.25 -29.20 -17.25
CA GLY B 79 -15.87 -29.29 -17.68
C GLY B 79 -14.98 -28.25 -17.03
N ASN B 80 -15.58 -27.37 -16.21
CA ASN B 80 -14.80 -26.36 -15.52
C ASN B 80 -14.46 -26.81 -14.10
N ILE B 81 -13.88 -25.93 -13.30
CA ILE B 81 -13.49 -26.24 -11.93
C ILE B 81 -14.50 -25.80 -10.87
N LYS B 82 -14.68 -26.65 -9.87
CA LYS B 82 -15.60 -26.39 -8.76
C LYS B 82 -14.82 -26.37 -7.45
N ILE B 83 -15.05 -25.35 -6.64
CA ILE B 83 -14.40 -25.21 -5.33
C ILE B 83 -15.53 -25.20 -4.30
N ALA B 84 -15.73 -26.34 -3.65
CA ALA B 84 -16.80 -26.50 -2.66
C ALA B 84 -16.44 -26.09 -1.24
N ASP B 85 -17.06 -25.02 -0.76
CA ASP B 85 -16.83 -24.52 0.59
C ASP B 85 -17.92 -25.10 1.50
N THR B 86 -17.89 -24.74 2.78
CA THR B 86 -18.87 -25.23 3.75
C THR B 86 -20.32 -24.95 3.33
N ARG B 87 -20.62 -23.68 3.08
CA ARG B 87 -21.96 -23.27 2.70
C ARG B 87 -22.05 -22.66 1.31
N SER B 88 -20.96 -22.72 0.55
CA SER B 88 -20.97 -22.12 -0.78
C SER B 88 -20.05 -22.82 -1.76
N THR B 89 -20.10 -22.37 -3.02
CA THR B 89 -19.32 -22.93 -4.11
C THR B 89 -18.79 -21.84 -5.03
N VAL B 90 -17.51 -21.94 -5.38
CA VAL B 90 -16.90 -20.98 -6.30
C VAL B 90 -16.54 -21.76 -7.57
N TYR B 91 -16.87 -21.21 -8.73
CA TYR B 91 -16.55 -21.88 -10.00
C TYR B 91 -15.38 -21.17 -10.67
N TRP B 92 -14.52 -21.93 -11.30
CA TRP B 92 -13.36 -21.35 -11.99
C TRP B 92 -13.16 -22.02 -13.34
N PRO B 93 -12.85 -21.25 -14.38
CA PRO B 93 -12.65 -21.85 -15.70
C PRO B 93 -11.39 -22.71 -15.87
N ALA B 94 -11.57 -23.83 -16.57
CA ALA B 94 -10.47 -24.73 -16.91
C ALA B 94 -10.03 -24.23 -18.27
N ALA B 95 -8.75 -23.96 -18.42
CA ALA B 95 -8.24 -23.41 -19.69
C ALA B 95 -8.00 -24.47 -20.75
N ASP B 96 -8.02 -24.04 -22.00
CA ASP B 96 -7.75 -24.93 -23.11
C ASP B 96 -6.21 -25.00 -23.07
N LYS B 97 -5.66 -26.21 -23.11
CA LYS B 97 -4.21 -26.38 -23.04
C LYS B 97 -3.38 -25.58 -24.03
N SER B 98 -3.96 -25.25 -25.18
CA SER B 98 -3.21 -24.50 -26.18
C SER B 98 -3.16 -22.99 -25.91
N THR B 99 -3.73 -22.54 -24.80
CA THR B 99 -3.69 -21.12 -24.48
C THR B 99 -2.66 -20.82 -23.39
N ILE B 100 -1.96 -21.86 -22.94
CA ILE B 100 -0.94 -21.68 -21.92
C ILE B 100 0.32 -22.40 -22.35
N VAL B 101 1.43 -22.08 -21.70
CA VAL B 101 2.71 -22.72 -22.01
C VAL B 101 3.08 -23.58 -20.80
N PHE B 102 3.48 -24.82 -21.05
CA PHE B 102 3.86 -25.75 -19.97
C PHE B 102 4.91 -26.77 -20.42
N PRO B 103 5.71 -27.28 -19.48
CA PRO B 103 6.74 -28.27 -19.85
C PRO B 103 5.98 -29.54 -20.19
N ASN B 104 6.45 -30.28 -21.19
CA ASN B 104 5.76 -31.51 -21.55
C ASN B 104 6.29 -32.67 -20.70
N LYS B 105 7.52 -32.53 -20.22
CA LYS B 105 8.16 -33.55 -19.38
C LYS B 105 9.08 -32.84 -18.40
N PRO B 106 9.25 -33.39 -17.20
CA PRO B 106 10.13 -32.72 -16.25
C PRO B 106 11.59 -32.70 -16.72
N ILE B 107 12.38 -31.79 -16.15
CA ILE B 107 13.78 -31.66 -16.53
C ILE B 107 14.70 -32.63 -15.82
N GLN B 108 15.54 -33.30 -16.59
CA GLN B 108 16.55 -34.23 -16.07
C GLN B 108 17.85 -33.43 -16.13
N PHE B 109 18.25 -32.82 -15.02
CA PHE B 109 19.46 -32.01 -15.00
C PHE B 109 20.70 -32.87 -15.13
N PRO B 110 21.63 -32.49 -16.01
CA PRO B 110 22.84 -33.30 -16.16
C PRO B 110 23.70 -33.32 -14.90
N VAL B 111 24.61 -34.29 -14.80
CA VAL B 111 25.48 -34.36 -13.61
C VAL B 111 26.26 -33.05 -13.57
N ALA B 112 26.29 -32.41 -12.40
CA ALA B 112 26.95 -31.11 -12.24
C ALA B 112 28.46 -31.06 -12.45
N SER B 113 28.93 -29.93 -12.97
CA SER B 113 30.36 -29.70 -13.18
C SER B 113 30.95 -29.22 -11.86
N VAL B 114 30.19 -28.40 -11.14
CA VAL B 114 30.62 -27.88 -9.85
C VAL B 114 29.41 -27.69 -8.95
N ILE B 115 29.61 -27.93 -7.66
CA ILE B 115 28.52 -27.82 -6.70
C ILE B 115 28.86 -26.89 -5.56
N THR B 116 27.90 -26.06 -5.19
CA THR B 116 28.07 -25.11 -4.11
C THR B 116 26.71 -24.97 -3.43
N GLU B 117 26.57 -23.97 -2.57
CA GLU B 117 25.28 -23.75 -1.93
C GLU B 117 25.08 -22.31 -1.47
N ILE B 118 23.85 -21.96 -1.16
CA ILE B 118 23.56 -20.61 -0.71
C ILE B 118 22.53 -20.67 0.40
N LYS B 119 22.85 -20.02 1.50
CA LYS B 119 21.98 -19.96 2.68
C LYS B 119 20.79 -19.05 2.44
N ALA B 120 19.70 -19.34 3.13
CA ALA B 120 18.48 -18.54 3.00
C ALA B 120 18.75 -17.05 3.24
N GLU B 121 19.55 -16.74 4.26
CA GLU B 121 19.86 -15.36 4.60
C GLU B 121 20.64 -14.65 3.50
N ASP B 122 21.58 -15.36 2.91
CA ASP B 122 22.41 -14.82 1.84
C ASP B 122 21.63 -14.63 0.54
N LEU B 123 20.76 -15.59 0.22
CA LEU B 123 19.95 -15.48 -0.99
C LEU B 123 19.04 -14.26 -0.83
N GLN B 124 18.49 -14.11 0.36
CA GLN B 124 17.60 -12.99 0.67
C GLN B 124 18.32 -11.68 0.38
N GLN B 125 19.56 -11.55 0.85
CA GLN B 125 20.32 -10.33 0.62
C GLN B 125 20.61 -10.13 -0.88
N LEU B 126 21.00 -11.21 -1.56
CA LEU B 126 21.29 -11.13 -2.99
C LEU B 126 20.11 -10.52 -3.72
N LEU B 127 18.94 -11.12 -3.52
CA LEU B 127 17.70 -10.67 -4.13
C LEU B 127 17.36 -9.22 -3.80
N ARG B 128 17.39 -8.90 -2.51
CA ARG B 128 17.10 -7.56 -2.03
C ARG B 128 18.06 -6.51 -2.57
N VAL B 129 19.36 -6.75 -2.45
CA VAL B 129 20.36 -5.82 -2.93
C VAL B 129 20.26 -5.56 -4.42
N SER B 130 20.07 -6.62 -5.20
CA SER B 130 19.97 -6.50 -6.66
C SER B 130 18.97 -5.41 -7.04
N ARG B 131 17.83 -5.41 -6.38
CA ARG B 131 16.78 -4.42 -6.65
C ARG B 131 17.28 -3.00 -6.32
N GLY B 132 17.91 -2.82 -5.17
CA GLY B 132 18.41 -1.50 -4.78
C GLY B 132 19.59 -0.96 -5.57
N LEU B 133 20.35 -1.86 -6.19
CA LEU B 133 21.53 -1.47 -6.96
C LEU B 133 21.36 -1.59 -8.47
N GLN B 134 20.16 -1.95 -8.92
CA GLN B 134 19.92 -2.11 -10.35
C GLN B 134 20.85 -3.19 -10.91
N ILE B 135 20.89 -4.34 -10.26
CA ILE B 135 21.73 -5.46 -10.71
C ILE B 135 20.87 -6.33 -11.62
N ASP B 136 21.23 -6.43 -12.89
CA ASP B 136 20.46 -7.24 -13.82
C ASP B 136 21.19 -8.52 -14.17
N THR B 137 22.40 -8.67 -13.67
CA THR B 137 23.19 -9.84 -13.99
C THR B 137 24.13 -10.25 -12.87
N ILE B 138 24.29 -11.56 -12.68
CA ILE B 138 25.21 -12.08 -11.67
C ILE B 138 26.13 -13.10 -12.31
N ALA B 139 27.31 -13.25 -11.73
CA ALA B 139 28.28 -14.23 -12.21
C ALA B 139 28.76 -15.03 -11.01
N ILE B 140 28.73 -16.36 -11.14
CA ILE B 140 29.21 -17.22 -10.07
C ILE B 140 30.56 -17.71 -10.57
N THR B 141 31.61 -17.39 -9.81
CA THR B 141 32.95 -17.74 -10.22
C THR B 141 33.85 -18.19 -9.07
N ASN B 142 34.99 -18.79 -9.44
CA ASN B 142 35.95 -19.25 -8.46
C ASN B 142 36.94 -18.11 -8.23
N LYS B 143 37.13 -17.75 -6.96
CA LYS B 143 38.04 -16.66 -6.63
C LYS B 143 38.74 -16.89 -5.29
N ASP B 144 40.06 -16.91 -5.34
CA ASP B 144 40.91 -17.09 -4.16
C ASP B 144 40.48 -18.23 -3.25
N GLY B 145 40.32 -19.42 -3.81
CA GLY B 145 39.93 -20.56 -3.00
C GLY B 145 38.47 -20.62 -2.59
N LYS B 146 37.65 -19.77 -3.19
CA LYS B 146 36.21 -19.74 -2.87
C LYS B 146 35.33 -19.56 -4.11
N ILE B 147 34.04 -19.82 -3.95
CA ILE B 147 33.07 -19.62 -5.02
C ILE B 147 32.31 -18.36 -4.62
N VAL B 148 32.27 -17.37 -5.50
CA VAL B 148 31.55 -16.15 -5.16
C VAL B 148 30.62 -15.68 -6.26
N ILE B 149 29.65 -14.87 -5.89
CA ILE B 149 28.70 -14.31 -6.83
C ILE B 149 28.95 -12.81 -6.90
N ASN B 150 29.12 -12.30 -8.11
CA ASN B 150 29.32 -10.87 -8.35
C ASN B 150 28.10 -10.36 -9.11
N GLY B 151 27.56 -9.22 -8.67
CA GLY B 151 26.41 -8.65 -9.33
C GLY B 151 26.82 -7.47 -10.22
N TYR B 152 26.26 -7.40 -11.43
CA TYR B 152 26.59 -6.32 -12.34
C TYR B 152 25.36 -5.67 -12.96
N ASN B 153 25.59 -4.52 -13.57
CA ASN B 153 24.55 -3.79 -14.29
C ASN B 153 25.12 -3.88 -15.71
N LYS B 154 24.62 -4.83 -16.49
CA LYS B 154 25.12 -5.05 -17.84
C LYS B 154 24.86 -3.93 -18.83
N VAL B 155 23.85 -3.12 -18.58
CA VAL B 155 23.52 -2.02 -19.47
C VAL B 155 24.66 -1.00 -19.56
N GLU B 156 25.31 -0.73 -18.43
CA GLU B 156 26.40 0.23 -18.40
C GLU B 156 27.77 -0.44 -18.27
N ASP B 157 27.78 -1.77 -18.10
CA ASP B 157 29.02 -2.53 -17.95
C ASP B 157 28.88 -3.87 -18.70
N SER B 158 28.74 -3.77 -20.02
CA SER B 158 28.55 -4.94 -20.87
C SER B 158 29.65 -6.00 -20.75
N GLY B 159 30.86 -5.58 -20.45
CA GLY B 159 31.94 -6.54 -20.31
C GLY B 159 31.95 -7.18 -18.93
N LEU B 160 30.96 -6.82 -18.10
CA LEU B 160 30.85 -7.35 -16.75
C LEU B 160 32.17 -7.22 -16.00
N THR B 161 32.64 -5.99 -15.84
CA THR B 161 33.92 -5.77 -15.18
C THR B 161 33.90 -4.97 -13.90
N ARG B 162 32.78 -4.30 -13.62
CA ARG B 162 32.70 -3.48 -12.42
C ARG B 162 31.61 -3.94 -11.46
N PRO B 163 31.89 -4.96 -10.65
CA PRO B 163 30.94 -5.50 -9.68
C PRO B 163 30.40 -4.50 -8.68
N LYS B 164 29.08 -4.52 -8.47
CA LYS B 164 28.41 -3.62 -7.56
C LYS B 164 28.06 -4.34 -6.26
N TYR B 165 28.26 -5.66 -6.28
CA TYR B 165 27.98 -6.51 -5.13
C TYR B 165 28.81 -7.78 -5.27
N SER B 166 29.13 -8.37 -4.14
CA SER B 166 29.91 -9.60 -4.11
C SER B 166 29.53 -10.39 -2.87
N LEU B 167 29.22 -11.67 -3.06
CA LEU B 167 28.85 -12.54 -1.96
C LEU B 167 29.70 -13.80 -2.02
N THR B 168 30.28 -14.16 -0.88
CA THR B 168 31.13 -15.33 -0.79
C THR B 168 30.30 -16.54 -0.42
N LEU B 169 30.40 -17.62 -1.20
CA LEU B 169 29.59 -18.80 -0.91
C LEU B 169 30.33 -19.90 -0.14
N THR B 170 31.05 -20.75 -0.85
CA THR B 170 31.76 -21.85 -0.21
C THR B 170 33.22 -21.93 -0.65
N ASP B 171 34.03 -22.63 0.15
CA ASP B 171 35.44 -22.81 -0.18
C ASP B 171 35.50 -23.67 -1.43
N TYR B 172 36.49 -23.43 -2.26
CA TYR B 172 36.65 -24.19 -3.50
C TYR B 172 38.11 -24.49 -3.78
N ASP B 173 38.44 -25.77 -3.93
CA ASP B 173 39.80 -26.20 -4.24
C ASP B 173 39.86 -27.04 -5.51
N GLY B 174 39.14 -26.61 -6.53
CA GLY B 174 39.12 -27.32 -7.79
C GLY B 174 40.12 -26.67 -8.72
N SER B 175 40.49 -27.37 -9.79
CA SER B 175 41.46 -26.84 -10.75
C SER B 175 40.76 -25.99 -11.80
N ASN B 176 39.51 -26.34 -12.08
CA ASN B 176 38.72 -25.63 -13.09
C ASN B 176 38.47 -24.15 -12.78
N ASN B 177 38.24 -23.39 -13.85
CA ASN B 177 37.95 -21.97 -13.76
C ASN B 177 36.65 -21.74 -14.51
N PHE B 178 35.78 -20.90 -13.95
CA PHE B 178 34.49 -20.64 -14.58
C PHE B 178 33.91 -19.30 -14.14
N ASN B 179 33.12 -18.71 -15.03
CA ASN B 179 32.46 -17.44 -14.77
C ASN B 179 31.07 -17.67 -15.37
N PHE B 180 30.16 -18.25 -14.58
CA PHE B 180 28.82 -18.55 -15.03
C PHE B 180 27.88 -17.35 -14.87
N VAL B 181 27.39 -16.84 -16.00
CA VAL B 181 26.51 -15.69 -16.01
C VAL B 181 25.02 -16.03 -15.99
N ILE B 182 24.30 -15.38 -15.06
CA ILE B 182 22.87 -15.59 -14.91
C ILE B 182 22.14 -14.25 -14.95
N ASN B 183 21.00 -14.23 -15.63
CA ASN B 183 20.18 -13.02 -15.71
C ASN B 183 19.36 -12.97 -14.41
N MET B 184 19.47 -11.88 -13.66
CA MET B 184 18.73 -11.78 -12.40
C MET B 184 17.21 -11.88 -12.54
N ALA B 185 16.68 -11.52 -13.70
CA ALA B 185 15.24 -11.60 -13.92
C ALA B 185 14.75 -13.04 -13.86
N ASN B 186 15.64 -14.00 -14.08
CA ASN B 186 15.26 -15.40 -14.07
C ASN B 186 15.41 -16.05 -12.70
N MET B 187 15.98 -15.33 -11.75
CA MET B 187 16.19 -15.84 -10.41
C MET B 187 14.95 -15.72 -9.53
N LYS B 188 13.82 -16.25 -10.00
CA LYS B 188 12.57 -16.20 -9.22
C LYS B 188 12.50 -17.34 -8.21
N ILE B 189 13.49 -17.38 -7.33
CA ILE B 189 13.63 -18.42 -6.30
C ILE B 189 12.97 -18.03 -4.97
N GLN B 190 12.13 -18.92 -4.45
CA GLN B 190 11.46 -18.65 -3.17
C GLN B 190 12.48 -18.76 -2.01
N PRO B 191 12.16 -18.17 -0.86
CA PRO B 191 13.14 -18.28 0.22
C PRO B 191 13.44 -19.69 0.73
N GLY B 192 14.69 -19.90 1.10
CA GLY B 192 15.13 -21.19 1.61
C GLY B 192 16.63 -21.38 1.47
N ASN B 193 17.11 -22.58 1.80
CA ASN B 193 18.52 -22.95 1.68
C ASN B 193 18.65 -23.80 0.42
N TYR B 194 19.57 -23.45 -0.48
CA TYR B 194 19.72 -24.22 -1.71
C TYR B 194 21.08 -24.79 -2.03
N LYS B 195 21.05 -25.99 -2.60
CA LYS B 195 22.23 -26.67 -3.08
C LYS B 195 22.28 -26.10 -4.50
N VAL B 196 23.43 -25.58 -4.91
CA VAL B 196 23.58 -25.00 -6.23
C VAL B 196 24.45 -25.86 -7.12
N MET B 197 23.87 -26.36 -8.20
CA MET B 197 24.59 -27.22 -9.14
C MET B 197 24.80 -26.50 -10.46
N LEU B 198 26.07 -26.25 -10.79
CA LEU B 198 26.42 -25.56 -12.02
C LEU B 198 26.93 -26.55 -13.05
N TRP B 199 26.50 -26.36 -14.30
CA TRP B 199 26.90 -27.27 -15.36
C TRP B 199 27.27 -26.55 -16.65
N GLY B 200 28.33 -27.03 -17.28
CA GLY B 200 28.76 -26.45 -18.53
C GLY B 200 29.43 -27.48 -19.42
N ALA B 201 29.05 -27.48 -20.69
CA ALA B 201 29.62 -28.40 -21.68
C ALA B 201 29.61 -27.68 -23.02
N GLY B 202 30.77 -27.15 -23.43
CA GLY B 202 30.83 -26.42 -24.68
C GLY B 202 29.99 -25.17 -24.48
N ASP B 203 29.15 -24.83 -25.46
CA ASP B 203 28.31 -23.65 -25.33
C ASP B 203 27.06 -23.82 -24.47
N LYS B 204 26.76 -25.05 -24.07
CA LYS B 204 25.59 -25.29 -23.23
C LYS B 204 25.96 -25.10 -21.76
N VAL B 205 25.26 -24.18 -21.11
CA VAL B 205 25.50 -23.87 -19.71
C VAL B 205 24.16 -23.70 -18.99
N ALA B 206 24.04 -24.29 -17.80
CA ALA B 206 22.80 -24.21 -17.03
C ALA B 206 23.05 -24.43 -15.54
N ALA B 207 22.14 -23.91 -14.73
CA ALA B 207 22.25 -24.03 -13.28
C ALA B 207 21.01 -24.68 -12.67
N LYS B 208 21.19 -25.33 -11.54
CA LYS B 208 20.09 -25.95 -10.83
C LYS B 208 20.14 -25.57 -9.36
N PHE B 209 19.04 -25.00 -8.86
CA PHE B 209 18.94 -24.60 -7.46
C PHE B 209 17.97 -25.57 -6.79
N GLU B 210 18.48 -26.36 -5.86
CA GLU B 210 17.66 -27.39 -5.19
C GLU B 210 17.52 -27.29 -3.68
N SER B 211 16.27 -27.35 -3.23
CA SER B 211 15.96 -27.31 -1.80
C SER B 211 15.06 -28.51 -1.55
N SER B 212 14.67 -28.71 -0.29
CA SER B 212 13.81 -29.82 0.05
C SER B 212 12.36 -29.50 -0.34
N GLN B 213 12.12 -28.24 -0.71
CA GLN B 213 10.79 -27.80 -1.08
C GLN B 213 10.57 -27.66 -2.59
N VAL B 214 11.53 -27.02 -3.26
CA VAL B 214 11.44 -26.77 -4.69
C VAL B 214 12.78 -26.88 -5.39
N SER B 215 12.73 -27.11 -6.70
CA SER B 215 13.93 -27.20 -7.52
C SER B 215 13.78 -26.32 -8.75
N TYR B 216 14.81 -25.57 -9.07
CA TYR B 216 14.79 -24.68 -10.23
C TYR B 216 15.94 -24.97 -11.16
N VAL B 217 15.68 -24.88 -12.47
CA VAL B 217 16.70 -25.06 -13.49
C VAL B 217 16.66 -23.74 -14.24
N ILE B 218 17.79 -23.04 -14.30
CA ILE B 218 17.86 -21.75 -14.98
C ILE B 218 18.93 -21.76 -16.06
N ALA B 219 18.58 -21.31 -17.26
CA ALA B 219 19.53 -21.28 -18.35
C ALA B 219 20.50 -20.13 -18.09
N MET B 220 21.76 -20.32 -18.42
CA MET B 220 22.76 -19.29 -18.22
C MET B 220 23.10 -18.63 -19.54
N GLU B 221 23.57 -17.39 -19.47
CA GLU B 221 23.89 -16.60 -20.65
C GLU B 221 25.11 -17.03 -21.46
N ALA B 222 25.18 -16.52 -22.67
CA ALA B 222 26.29 -16.83 -23.59
C ALA B 222 27.62 -16.21 -23.15
N ASP B 223 27.58 -15.19 -22.29
CA ASP B 223 28.79 -14.54 -21.77
C ASP B 223 29.54 -15.50 -20.86
N SER B 224 28.86 -16.55 -20.43
CA SER B 224 29.46 -17.53 -19.54
C SER B 224 30.68 -18.19 -20.15
N THR B 225 31.65 -18.52 -19.30
CA THR B 225 32.86 -19.20 -19.73
C THR B 225 33.24 -20.23 -18.67
N HIS B 226 33.87 -21.30 -19.09
CA HIS B 226 34.29 -22.35 -18.18
C HIS B 226 35.24 -23.22 -18.96
N ASP B 227 36.04 -24.01 -18.27
CA ASP B 227 36.97 -24.91 -18.95
C ASP B 227 36.64 -26.38 -18.70
N PHE B 228 35.38 -26.68 -18.38
CA PHE B 228 34.98 -28.06 -18.16
C PHE B 228 34.85 -28.71 -19.52
N MET C 1 -21.03 19.32 19.37
CA MET C 1 -21.41 17.93 18.96
C MET C 1 -20.19 17.04 18.75
N LYS C 2 -20.30 15.78 19.18
CA LYS C 2 -19.22 14.81 19.02
C LYS C 2 -19.72 13.56 18.31
N LEU C 3 -18.88 12.98 17.45
CA LEU C 3 -19.24 11.76 16.73
C LEU C 3 -18.29 10.65 17.11
N SER C 4 -18.84 9.58 17.69
CA SER C 4 -18.04 8.44 18.11
C SER C 4 -17.55 7.64 16.91
N LYS C 5 -16.63 6.71 17.16
CA LYS C 5 -16.09 5.86 16.12
C LYS C 5 -17.16 5.07 15.34
N ASP C 6 -18.20 4.59 16.03
CA ASP C 6 -19.23 3.82 15.37
C ASP C 6 -20.13 4.65 14.44
N THR C 7 -20.53 5.82 14.92
CA THR C 7 -21.36 6.71 14.10
C THR C 7 -20.56 7.08 12.86
N ILE C 8 -19.29 7.44 13.07
CA ILE C 8 -18.42 7.82 11.95
C ILE C 8 -18.28 6.67 10.95
N ALA C 9 -18.20 5.45 11.46
CA ALA C 9 -18.08 4.28 10.61
C ALA C 9 -19.31 4.15 9.71
N ILE C 10 -20.47 4.31 10.33
CA ILE C 10 -21.72 4.22 9.60
C ILE C 10 -21.80 5.34 8.57
N LEU C 11 -21.42 6.56 8.97
CA LEU C 11 -21.44 7.69 8.05
C LEU C 11 -20.52 7.45 6.86
N LYS C 12 -19.43 6.74 7.09
CA LYS C 12 -18.48 6.42 6.02
C LYS C 12 -19.18 5.50 5.02
N ASN C 13 -19.98 4.57 5.53
CA ASN C 13 -20.72 3.69 4.65
C ASN C 13 -21.71 4.53 3.83
N PHE C 14 -22.43 5.42 4.51
CA PHE C 14 -23.40 6.30 3.84
C PHE C 14 -22.73 7.16 2.79
N ALA C 15 -21.50 7.60 3.06
CA ALA C 15 -20.76 8.43 2.12
C ALA C 15 -20.49 7.67 0.82
N SER C 16 -20.34 6.34 0.89
CA SER C 16 -20.08 5.56 -0.32
C SER C 16 -21.35 5.40 -1.18
N ILE C 17 -22.51 5.62 -0.56
CA ILE C 17 -23.79 5.50 -1.26
C ILE C 17 -24.14 6.82 -1.95
N ASN C 18 -23.82 7.92 -1.28
CA ASN C 18 -24.07 9.26 -1.80
C ASN C 18 -22.95 10.12 -1.23
N SER C 19 -22.20 10.76 -2.11
CA SER C 19 -21.09 11.60 -1.68
C SER C 19 -21.52 12.72 -0.75
N GLY C 20 -22.82 13.08 -0.77
CA GLY C 20 -23.31 14.13 0.10
C GLY C 20 -24.35 13.62 1.08
N ILE C 21 -24.71 14.44 2.05
CA ILE C 21 -25.72 14.05 3.04
C ILE C 21 -26.27 15.25 3.79
N LEU C 22 -27.48 15.10 4.30
CA LEU C 22 -28.13 16.15 5.08
C LEU C 22 -28.25 15.60 6.50
N LEU C 23 -27.67 16.30 7.47
CA LEU C 23 -27.74 15.89 8.86
C LEU C 23 -28.77 16.77 9.55
N SER C 24 -29.66 16.15 10.31
CA SER C 24 -30.67 16.90 11.03
C SER C 24 -30.65 16.57 12.52
N GLN C 25 -31.05 17.54 13.33
CA GLN C 25 -31.07 17.38 14.78
C GLN C 25 -31.77 16.09 15.21
N GLY C 26 -31.13 15.38 16.12
CA GLY C 26 -31.69 14.13 16.60
C GLY C 26 -30.63 13.05 16.71
N LYS C 27 -31.07 11.80 16.83
CA LYS C 27 -30.16 10.67 16.94
C LYS C 27 -30.51 9.69 15.82
N PHE C 28 -30.76 10.24 14.63
CA PHE C 28 -31.13 9.46 13.45
C PHE C 28 -30.49 10.01 12.18
N ILE C 29 -29.98 9.12 11.34
CA ILE C 29 -29.37 9.52 10.07
C ILE C 29 -29.85 8.62 8.94
N MET C 30 -29.96 9.19 7.73
CA MET C 30 -30.40 8.44 6.56
C MET C 30 -29.87 9.11 5.30
N THR C 31 -29.79 8.33 4.23
CA THR C 31 -29.31 8.85 2.95
C THR C 31 -29.88 8.01 1.83
N ARG C 32 -29.63 8.41 0.58
CA ARG C 32 -30.10 7.65 -0.56
C ARG C 32 -29.20 7.95 -1.77
N ALA C 33 -29.03 6.95 -2.64
CA ALA C 33 -28.20 7.14 -3.82
C ALA C 33 -28.84 8.22 -4.70
N VAL C 34 -28.01 8.91 -5.47
CA VAL C 34 -28.52 9.94 -6.35
C VAL C 34 -29.49 9.32 -7.38
N ASN C 35 -29.20 8.11 -7.83
CA ASN C 35 -30.07 7.45 -8.81
C ASN C 35 -31.19 6.68 -8.12
N GLY C 36 -31.30 6.86 -6.80
CA GLY C 36 -32.34 6.21 -6.02
C GLY C 36 -32.29 4.70 -5.86
N THR C 37 -31.20 4.05 -6.26
CA THR C 37 -31.09 2.60 -6.15
C THR C 37 -30.95 2.03 -4.72
N THR C 38 -30.16 2.71 -3.88
CA THR C 38 -29.93 2.26 -2.51
C THR C 38 -30.28 3.31 -1.46
N TYR C 39 -31.02 2.88 -0.43
CA TYR C 39 -31.40 3.74 0.68
C TYR C 39 -30.86 3.12 1.98
N ALA C 40 -30.44 3.97 2.91
CA ALA C 40 -29.93 3.48 4.19
C ALA C 40 -30.27 4.46 5.31
N GLU C 41 -30.47 3.91 6.51
CA GLU C 41 -30.81 4.69 7.68
C GLU C 41 -30.31 3.97 8.93
N ALA C 42 -30.20 4.71 10.02
CA ALA C 42 -29.73 4.15 11.28
C ALA C 42 -29.97 5.10 12.43
N ASN C 43 -30.19 4.52 13.61
CA ASN C 43 -30.37 5.28 14.84
C ASN C 43 -28.98 5.27 15.44
N ILE C 44 -28.51 6.42 15.91
CA ILE C 44 -27.17 6.50 16.50
C ILE C 44 -27.22 6.97 17.95
N SER C 45 -26.15 6.73 18.68
CA SER C 45 -26.07 7.12 20.09
C SER C 45 -25.63 8.57 20.29
N ASP C 46 -25.09 9.20 19.25
CA ASP C 46 -24.66 10.60 19.35
C ASP C 46 -25.79 11.54 18.92
N GLU C 47 -25.93 12.65 19.64
CA GLU C 47 -26.95 13.64 19.35
C GLU C 47 -26.40 14.69 18.39
N ILE C 48 -27.06 14.88 17.25
CA ILE C 48 -26.69 15.89 16.26
C ILE C 48 -27.40 17.15 16.76
N ASP C 49 -26.62 18.19 17.04
CA ASP C 49 -27.16 19.45 17.60
C ASP C 49 -27.72 20.46 16.63
N PHE C 50 -27.41 20.32 15.36
CA PHE C 50 -27.90 21.28 14.38
C PHE C 50 -27.99 20.69 12.98
N ASP C 51 -28.81 21.31 12.14
CA ASP C 51 -29.02 20.88 10.78
C ASP C 51 -27.91 21.42 9.90
N VAL C 52 -27.35 20.57 9.05
CA VAL C 52 -26.28 20.98 8.17
C VAL C 52 -26.11 19.95 7.06
N ALA C 53 -25.83 20.44 5.85
CA ALA C 53 -25.61 19.60 4.70
C ALA C 53 -24.12 19.57 4.39
N LEU C 54 -23.60 18.39 4.07
CA LEU C 54 -22.19 18.24 3.75
C LEU C 54 -22.11 17.80 2.29
N TYR C 55 -21.38 18.56 1.49
CA TYR C 55 -21.23 18.27 0.07
C TYR C 55 -20.31 17.07 -0.17
N ASP C 56 -19.27 16.95 0.66
CA ASP C 56 -18.32 15.86 0.53
C ASP C 56 -18.14 15.20 1.88
N LEU C 57 -19.10 14.36 2.25
CA LEU C 57 -19.10 13.66 3.53
C LEU C 57 -17.81 12.88 3.82
N ASN C 58 -17.33 12.14 2.83
CA ASN C 58 -16.13 11.33 3.01
C ASN C 58 -14.90 12.13 3.45
N SER C 59 -14.60 13.22 2.74
CA SER C 59 -13.46 14.04 3.11
C SER C 59 -13.69 14.66 4.48
N PHE C 60 -14.94 15.05 4.77
CA PHE C 60 -15.24 15.62 6.09
C PHE C 60 -14.91 14.63 7.19
N LEU C 61 -15.34 13.38 7.02
CA LEU C 61 -15.08 12.35 8.01
C LEU C 61 -13.59 12.09 8.21
N SER C 62 -12.84 12.01 7.12
CA SER C 62 -11.41 11.77 7.22
C SER C 62 -10.75 12.88 8.05
N ILE C 63 -11.25 14.09 7.91
CA ILE C 63 -10.73 15.23 8.67
C ILE C 63 -10.98 15.03 10.16
N LEU C 64 -12.13 14.45 10.50
CA LEU C 64 -12.48 14.22 11.89
C LEU C 64 -11.51 13.27 12.59
N SER C 65 -10.89 12.40 11.81
CA SER C 65 -9.94 11.44 12.37
C SER C 65 -8.65 12.11 12.84
N LEU C 66 -8.50 13.39 12.52
CA LEU C 66 -7.29 14.11 12.88
C LEU C 66 -7.45 15.05 14.08
N VAL C 67 -8.66 15.23 14.56
CA VAL C 67 -8.91 16.10 15.71
C VAL C 67 -8.82 15.29 17.00
N SER C 68 -8.76 15.98 18.14
CA SER C 68 -8.66 15.30 19.44
C SER C 68 -9.99 14.84 20.03
N ASP C 69 -9.94 14.12 21.14
CA ASP C 69 -11.15 13.63 21.80
C ASP C 69 -11.89 14.81 22.41
N ASP C 70 -11.15 15.90 22.63
CA ASP C 70 -11.71 17.12 23.20
C ASP C 70 -12.34 18.02 22.15
N ALA C 71 -12.10 17.70 20.88
CA ALA C 71 -12.65 18.50 19.78
C ALA C 71 -14.17 18.46 19.83
N GLU C 72 -14.81 19.53 19.38
CA GLU C 72 -16.26 19.64 19.40
C GLU C 72 -16.73 20.26 18.07
N ILE C 73 -17.66 19.60 17.39
CA ILE C 73 -18.20 20.09 16.13
C ILE C 73 -19.33 21.08 16.36
N SER C 74 -19.24 22.26 15.76
CA SER C 74 -20.29 23.26 15.91
C SER C 74 -20.48 24.19 14.71
N MET C 75 -21.59 24.91 14.72
CA MET C 75 -21.93 25.85 13.67
C MET C 75 -21.12 27.12 13.89
N HIS C 76 -20.31 27.52 12.92
CA HIS C 76 -19.51 28.72 13.08
C HIS C 76 -20.29 29.97 12.70
N THR C 77 -19.91 31.09 13.29
CA THR C 77 -20.57 32.37 13.03
C THR C 77 -20.79 32.71 11.55
N ASP C 78 -19.97 32.17 10.65
CA ASP C 78 -20.13 32.45 9.24
C ASP C 78 -21.13 31.51 8.55
N GLY C 79 -21.77 30.63 9.32
CA GLY C 79 -22.72 29.71 8.74
C GLY C 79 -22.09 28.38 8.35
N ASN C 80 -20.76 28.34 8.30
CA ASN C 80 -20.04 27.12 7.97
C ASN C 80 -19.88 26.25 9.22
N ILE C 81 -18.97 25.28 9.15
CA ILE C 81 -18.73 24.39 10.28
C ILE C 81 -17.35 24.59 10.91
N LYS C 82 -17.29 24.30 12.20
CA LYS C 82 -16.06 24.45 12.97
C LYS C 82 -15.87 23.22 13.85
N ILE C 83 -14.66 22.69 13.89
CA ILE C 83 -14.33 21.52 14.69
C ILE C 83 -13.15 21.96 15.55
N ALA C 84 -13.42 22.36 16.78
CA ALA C 84 -12.35 22.85 17.64
C ALA C 84 -12.23 22.28 19.05
N ASP C 85 -10.99 22.28 19.55
CA ASP C 85 -10.71 21.81 20.89
C ASP C 85 -10.11 22.98 21.64
N THR C 86 -9.37 22.69 22.71
CA THR C 86 -8.75 23.74 23.50
C THR C 86 -7.60 24.48 22.77
N ARG C 87 -6.93 23.78 21.85
CA ARG C 87 -5.80 24.35 21.13
C ARG C 87 -5.98 24.73 19.67
N SER C 88 -6.75 23.95 18.92
CA SER C 88 -6.92 24.24 17.50
C SER C 88 -8.34 24.27 16.98
N THR C 89 -8.49 24.80 15.77
CA THR C 89 -9.78 24.91 15.11
C THR C 89 -9.70 24.57 13.62
N VAL C 90 -10.54 23.64 13.20
CA VAL C 90 -10.64 23.22 11.81
C VAL C 90 -11.97 23.76 11.29
N TYR C 91 -11.93 24.44 10.14
CA TYR C 91 -13.16 24.98 9.56
C TYR C 91 -13.55 24.11 8.38
N TRP C 92 -14.85 23.96 8.15
CA TRP C 92 -15.31 23.15 7.04
C TRP C 92 -16.56 23.78 6.44
N PRO C 93 -16.68 23.73 5.11
CA PRO C 93 -17.87 24.34 4.50
C PRO C 93 -19.18 23.60 4.69
N ALA C 94 -20.22 24.36 5.02
CA ALA C 94 -21.57 23.84 5.17
C ALA C 94 -22.16 24.07 3.79
N ALA C 95 -22.60 23.00 3.13
CA ALA C 95 -23.15 23.13 1.79
C ALA C 95 -24.57 23.67 1.73
N ASP C 96 -24.93 24.19 0.56
CA ASP C 96 -26.27 24.69 0.33
C ASP C 96 -27.06 23.42 0.06
N LYS C 97 -28.17 23.27 0.77
CA LYS C 97 -29.01 22.09 0.64
C LYS C 97 -29.30 21.67 -0.79
N SER C 98 -29.40 22.64 -1.70
CA SER C 98 -29.70 22.35 -3.11
C SER C 98 -28.52 21.80 -3.93
N THR C 99 -27.34 21.74 -3.34
CA THR C 99 -26.19 21.20 -4.07
C THR C 99 -26.01 19.69 -3.83
N ILE C 100 -26.92 19.10 -3.08
CA ILE C 100 -26.87 17.67 -2.78
C ILE C 100 -28.23 17.01 -2.90
N VAL C 101 -28.24 15.68 -2.93
CA VAL C 101 -29.49 14.94 -3.02
C VAL C 101 -29.69 14.19 -1.70
N PHE C 102 -30.90 14.26 -1.14
CA PHE C 102 -31.20 13.61 0.13
C PHE C 102 -32.68 13.23 0.24
N PRO C 103 -32.98 12.18 1.02
CA PRO C 103 -34.36 11.71 1.21
C PRO C 103 -35.13 12.70 2.05
N ASN C 104 -36.34 13.08 1.62
CA ASN C 104 -37.13 14.00 2.42
C ASN C 104 -38.00 13.22 3.39
N LYS C 105 -37.92 11.90 3.30
CA LYS C 105 -38.69 11.04 4.18
C LYS C 105 -38.06 9.66 4.19
N PRO C 106 -38.10 8.97 5.33
CA PRO C 106 -37.50 7.64 5.36
C PRO C 106 -38.31 6.67 4.51
N ILE C 107 -37.65 5.64 3.99
CA ILE C 107 -38.32 4.62 3.18
C ILE C 107 -38.81 3.50 4.09
N GLN C 108 -40.07 3.10 3.92
CA GLN C 108 -40.63 2.04 4.75
C GLN C 108 -40.77 0.76 3.95
N PHE C 109 -40.82 -0.36 4.67
CA PHE C 109 -40.97 -1.67 4.02
C PHE C 109 -42.09 -2.40 4.76
N PRO C 110 -43.35 -1.99 4.53
CA PRO C 110 -44.56 -2.55 5.15
C PRO C 110 -44.77 -4.05 4.97
N VAL C 111 -44.45 -4.55 3.79
CA VAL C 111 -44.65 -5.95 3.50
C VAL C 111 -43.46 -6.62 2.81
N ALA C 112 -43.45 -7.94 2.87
CA ALA C 112 -42.40 -8.75 2.27
C ALA C 112 -43.02 -9.97 1.59
N SER C 113 -42.27 -10.59 0.68
CA SER C 113 -42.75 -11.78 -0.02
C SER C 113 -42.02 -13.00 0.56
N VAL C 114 -40.72 -12.86 0.77
CA VAL C 114 -39.92 -13.94 1.33
C VAL C 114 -38.93 -13.34 2.32
N ILE C 115 -38.64 -14.06 3.40
CA ILE C 115 -37.66 -13.57 4.38
C ILE C 115 -36.58 -14.62 4.57
N THR C 116 -35.33 -14.16 4.64
CA THR C 116 -34.21 -15.06 4.86
C THR C 116 -33.15 -14.29 5.66
N GLU C 117 -31.90 -14.75 5.62
CA GLU C 117 -30.84 -14.05 6.36
C GLU C 117 -29.45 -14.42 5.85
N ILE C 118 -28.51 -13.52 6.03
CA ILE C 118 -27.13 -13.78 5.63
C ILE C 118 -26.23 -13.39 6.80
N LYS C 119 -25.39 -14.34 7.21
CA LYS C 119 -24.45 -14.13 8.33
C LYS C 119 -23.26 -13.27 7.91
N ALA C 120 -22.72 -12.51 8.86
CA ALA C 120 -21.59 -11.61 8.62
C ALA C 120 -20.46 -12.21 7.76
N GLU C 121 -20.04 -13.42 8.09
CA GLU C 121 -18.96 -14.06 7.36
C GLU C 121 -19.34 -14.44 5.92
N ASP C 122 -20.62 -14.73 5.70
CA ASP C 122 -21.11 -15.11 4.36
C ASP C 122 -21.24 -13.87 3.48
N LEU C 123 -21.60 -12.75 4.10
CA LEU C 123 -21.72 -11.48 3.40
C LEU C 123 -20.32 -11.08 2.97
N GLN C 124 -19.38 -11.27 3.88
CA GLN C 124 -17.98 -10.95 3.65
C GLN C 124 -17.42 -11.74 2.46
N GLN C 125 -17.71 -13.04 2.43
CA GLN C 125 -17.25 -13.88 1.32
C GLN C 125 -17.86 -13.42 0.00
N LEU C 126 -19.18 -13.23 -0.01
CA LEU C 126 -19.89 -12.78 -1.19
C LEU C 126 -19.25 -11.52 -1.77
N LEU C 127 -19.00 -10.53 -0.91
CA LEU C 127 -18.39 -9.29 -1.35
C LEU C 127 -16.97 -9.46 -1.89
N ARG C 128 -16.17 -10.27 -1.22
CA ARG C 128 -14.80 -10.49 -1.66
C ARG C 128 -14.67 -11.36 -2.90
N VAL C 129 -15.49 -12.40 -3.00
CA VAL C 129 -15.44 -13.28 -4.15
C VAL C 129 -15.93 -12.58 -5.43
N SER C 130 -16.98 -11.78 -5.28
CA SER C 130 -17.53 -11.05 -6.42
C SER C 130 -16.50 -10.10 -7.02
N ARG C 131 -15.66 -9.54 -6.16
CA ARG C 131 -14.62 -8.60 -6.58
C ARG C 131 -13.58 -9.31 -7.44
N GLY C 132 -13.23 -10.54 -7.05
CA GLY C 132 -12.23 -11.30 -7.78
C GLY C 132 -12.79 -12.08 -8.95
N LEU C 133 -14.10 -12.30 -8.97
CA LEU C 133 -14.71 -13.05 -10.06
C LEU C 133 -15.43 -12.10 -11.02
N GLN C 134 -15.23 -10.81 -10.82
CA GLN C 134 -15.88 -9.80 -11.66
C GLN C 134 -17.39 -10.01 -11.70
N ILE C 135 -17.95 -10.33 -10.54
CA ILE C 135 -19.39 -10.53 -10.41
C ILE C 135 -20.02 -9.15 -10.27
N ASP C 136 -20.93 -8.81 -11.17
CA ASP C 136 -21.58 -7.51 -11.11
C ASP C 136 -23.08 -7.63 -10.85
N THR C 137 -23.55 -8.87 -10.76
CA THR C 137 -24.97 -9.13 -10.57
C THR C 137 -25.20 -10.39 -9.74
N ILE C 138 -26.12 -10.33 -8.79
CA ILE C 138 -26.47 -11.51 -8.02
C ILE C 138 -27.97 -11.76 -8.18
N ALA C 139 -28.38 -12.99 -7.90
CA ALA C 139 -29.78 -13.37 -7.98
C ALA C 139 -30.09 -14.21 -6.77
N ILE C 140 -31.16 -13.87 -6.07
CA ILE C 140 -31.57 -14.61 -4.89
C ILE C 140 -32.76 -15.42 -5.35
N THR C 141 -32.59 -16.73 -5.37
CA THR C 141 -33.65 -17.60 -5.86
C THR C 141 -33.82 -18.84 -5.01
N ASN C 142 -34.93 -19.55 -5.22
CA ASN C 142 -35.19 -20.78 -4.49
C ASN C 142 -34.70 -21.95 -5.33
N LYS C 143 -34.10 -22.94 -4.68
CA LYS C 143 -33.59 -24.11 -5.37
C LYS C 143 -33.47 -25.30 -4.43
N ASP C 144 -34.11 -26.40 -4.80
CA ASP C 144 -34.10 -27.61 -4.00
C ASP C 144 -34.34 -27.34 -2.52
N GLY C 145 -35.46 -26.70 -2.23
CA GLY C 145 -35.83 -26.38 -0.86
C GLY C 145 -34.95 -25.38 -0.13
N LYS C 146 -34.18 -24.59 -0.86
CA LYS C 146 -33.31 -23.61 -0.23
C LYS C 146 -33.24 -22.27 -0.92
N ILE C 147 -32.87 -21.24 -0.16
CA ILE C 147 -32.72 -19.90 -0.69
C ILE C 147 -31.22 -19.76 -0.93
N VAL C 148 -30.83 -19.47 -2.17
CA VAL C 148 -29.43 -19.32 -2.49
C VAL C 148 -29.18 -18.07 -3.30
N ILE C 149 -27.95 -17.58 -3.20
CA ILE C 149 -27.54 -16.41 -3.96
C ILE C 149 -26.57 -16.90 -5.02
N ASN C 150 -26.81 -16.51 -6.26
CA ASN C 150 -25.94 -16.86 -7.38
C ASN C 150 -25.33 -15.57 -7.91
N GLY C 151 -24.02 -15.58 -8.12
CA GLY C 151 -23.34 -14.41 -8.64
C GLY C 151 -23.00 -14.61 -10.11
N TYR C 152 -23.09 -13.54 -10.90
CA TYR C 152 -22.78 -13.60 -12.33
C TYR C 152 -22.05 -12.36 -12.81
N ASN C 153 -21.56 -12.45 -14.04
CA ASN C 153 -20.91 -11.32 -14.69
C ASN C 153 -21.82 -11.06 -15.89
N LYS C 154 -22.78 -10.15 -15.74
CA LYS C 154 -23.73 -9.85 -16.79
C LYS C 154 -23.05 -9.38 -18.08
N VAL C 155 -21.85 -8.81 -17.94
CA VAL C 155 -21.13 -8.30 -19.10
C VAL C 155 -20.81 -9.39 -20.12
N GLU C 156 -20.53 -10.61 -19.66
CA GLU C 156 -20.25 -11.69 -20.59
C GLU C 156 -21.24 -12.82 -20.42
N ASP C 157 -22.29 -12.58 -19.62
CA ASP C 157 -23.33 -13.57 -19.38
C ASP C 157 -24.68 -12.85 -19.31
N SER C 158 -25.13 -12.37 -20.47
CA SER C 158 -26.40 -11.62 -20.61
C SER C 158 -27.62 -12.25 -19.97
N GLY C 159 -27.79 -13.56 -20.17
CA GLY C 159 -28.95 -14.24 -19.61
C GLY C 159 -28.83 -14.65 -18.16
N LEU C 160 -27.68 -14.43 -17.55
CA LEU C 160 -27.46 -14.83 -16.17
C LEU C 160 -27.76 -16.31 -16.06
N THR C 161 -27.04 -17.10 -16.85
CA THR C 161 -27.25 -18.54 -16.87
C THR C 161 -26.01 -19.32 -16.42
N ARG C 162 -24.89 -18.63 -16.30
CA ARG C 162 -23.65 -19.28 -15.88
C ARG C 162 -23.10 -18.68 -14.58
N PRO C 163 -23.61 -19.16 -13.44
CA PRO C 163 -23.14 -18.65 -12.15
C PRO C 163 -21.68 -18.99 -11.86
N LYS C 164 -20.94 -18.01 -11.36
CA LYS C 164 -19.54 -18.17 -11.03
C LYS C 164 -19.37 -18.41 -9.53
N TYR C 165 -20.43 -18.13 -8.78
CA TYR C 165 -20.43 -18.28 -7.33
C TYR C 165 -21.84 -18.56 -6.84
N SER C 166 -21.95 -19.42 -5.84
CA SER C 166 -23.25 -19.76 -5.29
C SER C 166 -23.19 -19.87 -3.78
N LEU C 167 -24.08 -19.16 -3.09
CA LEU C 167 -24.13 -19.16 -1.62
C LEU C 167 -25.48 -19.63 -1.09
N THR C 168 -25.47 -20.61 -0.20
CA THR C 168 -26.70 -21.13 0.40
C THR C 168 -27.03 -20.34 1.66
N LEU C 169 -28.26 -19.82 1.73
CA LEU C 169 -28.68 -19.01 2.87
C LEU C 169 -29.47 -19.78 3.93
N THR C 170 -30.70 -20.15 3.61
CA THR C 170 -31.55 -20.89 4.56
C THR C 170 -32.48 -21.88 3.86
N ASP C 171 -33.09 -22.79 4.63
CA ASP C 171 -34.03 -23.74 4.07
C ASP C 171 -35.26 -22.95 3.73
N TYR C 172 -35.81 -23.16 2.53
CA TYR C 172 -37.00 -22.44 2.11
C TYR C 172 -38.25 -23.28 2.33
N ASP C 173 -39.12 -22.80 3.20
CA ASP C 173 -40.37 -23.51 3.49
C ASP C 173 -41.51 -22.76 2.82
N GLY C 174 -41.49 -22.72 1.49
CA GLY C 174 -42.53 -22.02 0.77
C GLY C 174 -42.94 -22.71 -0.51
N SER C 175 -44.01 -22.20 -1.12
CA SER C 175 -44.56 -22.75 -2.35
C SER C 175 -44.36 -21.85 -3.56
N ASN C 176 -43.72 -20.70 -3.37
CA ASN C 176 -43.51 -19.77 -4.48
C ASN C 176 -42.15 -20.00 -5.15
N ASN C 177 -41.95 -19.38 -6.31
CA ASN C 177 -40.70 -19.49 -7.06
C ASN C 177 -40.26 -18.08 -7.43
N PHE C 178 -38.98 -17.80 -7.28
CA PHE C 178 -38.49 -16.47 -7.55
C PHE C 178 -37.02 -16.42 -7.93
N ASN C 179 -36.63 -15.29 -8.49
CA ASN C 179 -35.26 -15.04 -8.90
C ASN C 179 -35.12 -13.52 -8.89
N PHE C 180 -34.87 -12.96 -7.70
CA PHE C 180 -34.71 -11.53 -7.59
C PHE C 180 -33.28 -11.17 -7.99
N VAL C 181 -33.15 -10.18 -8.87
CA VAL C 181 -31.86 -9.76 -9.35
C VAL C 181 -31.45 -8.43 -8.72
N ILE C 182 -30.22 -8.37 -8.23
CA ILE C 182 -29.69 -7.16 -7.62
C ILE C 182 -28.39 -6.78 -8.28
N ASN C 183 -28.27 -5.53 -8.67
CA ASN C 183 -27.05 -5.05 -9.27
C ASN C 183 -26.05 -4.98 -8.12
N MET C 184 -25.00 -5.79 -8.19
CA MET C 184 -24.00 -5.83 -7.13
C MET C 184 -23.43 -4.48 -6.75
N ALA C 185 -23.54 -3.52 -7.65
CA ALA C 185 -23.01 -2.19 -7.37
C ALA C 185 -23.88 -1.48 -6.33
N ASN C 186 -25.09 -1.97 -6.11
CA ASN C 186 -25.98 -1.35 -5.14
C ASN C 186 -25.92 -2.03 -3.77
N MET C 187 -25.03 -3.01 -3.63
CA MET C 187 -24.87 -3.75 -2.38
C MET C 187 -23.82 -3.11 -1.47
N LYS C 188 -23.91 -1.79 -1.30
CA LYS C 188 -22.97 -1.06 -0.46
C LYS C 188 -23.37 -1.17 1.01
N ILE C 189 -23.36 -2.39 1.55
CA ILE C 189 -23.74 -2.55 2.95
C ILE C 189 -22.55 -2.91 3.83
N GLN C 190 -22.48 -2.27 4.99
CA GLN C 190 -21.37 -2.52 5.90
C GLN C 190 -21.42 -3.95 6.41
N PRO C 191 -20.30 -4.44 6.94
CA PRO C 191 -20.30 -5.81 7.45
C PRO C 191 -21.21 -6.02 8.66
N GLY C 192 -21.80 -7.21 8.74
CA GLY C 192 -22.69 -7.52 9.84
C GLY C 192 -23.68 -8.60 9.49
N ASN C 193 -24.49 -9.01 10.48
CA ASN C 193 -25.50 -10.02 10.27
C ASN C 193 -26.77 -9.32 9.83
N TYR C 194 -27.36 -9.77 8.73
CA TYR C 194 -28.57 -9.13 8.23
C TYR C 194 -29.76 -10.03 8.02
N LYS C 195 -30.93 -9.48 8.31
CA LYS C 195 -32.19 -10.15 8.09
C LYS C 195 -32.45 -9.63 6.67
N VAL C 196 -32.87 -10.52 5.78
CA VAL C 196 -33.11 -10.12 4.40
C VAL C 196 -34.57 -10.30 4.02
N MET C 197 -35.22 -9.22 3.62
CA MET C 197 -36.62 -9.30 3.20
C MET C 197 -36.74 -8.92 1.74
N LEU C 198 -37.34 -9.82 0.97
CA LEU C 198 -37.51 -9.59 -0.46
C LEU C 198 -38.99 -9.43 -0.77
N TRP C 199 -39.30 -8.41 -1.56
CA TRP C 199 -40.68 -8.13 -1.92
C TRP C 199 -40.85 -8.04 -3.42
N GLY C 200 -41.90 -8.67 -3.92
CA GLY C 200 -42.19 -8.64 -5.34
C GLY C 200 -43.68 -8.56 -5.57
N ALA C 201 -44.11 -7.64 -6.43
CA ALA C 201 -45.53 -7.45 -6.77
C ALA C 201 -45.58 -6.88 -8.19
N GLY C 202 -45.82 -7.75 -9.17
CA GLY C 202 -45.86 -7.29 -10.54
C GLY C 202 -44.49 -6.80 -10.97
N ASP C 203 -44.43 -5.60 -11.55
CA ASP C 203 -43.16 -5.03 -12.00
C ASP C 203 -42.33 -4.51 -10.84
N LYS C 204 -42.94 -4.37 -9.66
CA LYS C 204 -42.24 -3.83 -8.51
C LYS C 204 -41.48 -4.85 -7.64
N VAL C 205 -40.18 -4.64 -7.52
CA VAL C 205 -39.34 -5.51 -6.72
C VAL C 205 -38.34 -4.69 -5.90
N ALA C 206 -38.19 -5.06 -4.64
CA ALA C 206 -37.27 -4.37 -3.74
C ALA C 206 -36.86 -5.30 -2.59
N ALA C 207 -35.70 -5.03 -2.01
CA ALA C 207 -35.19 -5.85 -0.93
C ALA C 207 -34.77 -5.00 0.26
N LYS C 208 -34.92 -5.56 1.46
CA LYS C 208 -34.53 -4.86 2.68
C LYS C 208 -33.49 -5.69 3.42
N PHE C 209 -32.36 -5.07 3.75
CA PHE C 209 -31.30 -5.75 4.50
C PHE C 209 -31.23 -5.04 5.85
N GLU C 210 -31.49 -5.76 6.93
CA GLU C 210 -31.47 -5.15 8.24
C GLU C 210 -30.58 -5.79 9.29
N SER C 211 -29.71 -4.98 9.88
CA SER C 211 -28.80 -5.44 10.94
C SER C 211 -29.19 -4.66 12.19
N SER C 212 -28.52 -4.92 13.31
CA SER C 212 -28.83 -4.21 14.54
C SER C 212 -28.33 -2.77 14.47
N GLN C 213 -27.37 -2.49 13.59
CA GLN C 213 -26.79 -1.15 13.46
C GLN C 213 -27.39 -0.26 12.37
N VAL C 214 -27.79 -0.86 11.25
CA VAL C 214 -28.36 -0.11 10.14
C VAL C 214 -29.26 -0.98 9.30
N SER C 215 -30.08 -0.35 8.47
CA SER C 215 -30.97 -1.10 7.59
C SER C 215 -31.02 -0.41 6.23
N TYR C 216 -31.05 -1.23 5.18
CA TYR C 216 -31.08 -0.73 3.83
C TYR C 216 -32.30 -1.17 3.04
N VAL C 217 -32.63 -0.39 2.01
CA VAL C 217 -33.71 -0.69 1.10
C VAL C 217 -33.06 -0.60 -0.29
N ILE C 218 -33.03 -1.73 -0.99
CA ILE C 218 -32.39 -1.79 -2.29
C ILE C 218 -33.35 -2.12 -3.44
N ALA C 219 -33.31 -1.30 -4.47
CA ALA C 219 -34.16 -1.47 -5.65
C ALA C 219 -33.58 -2.62 -6.46
N MET C 220 -34.42 -3.56 -6.87
CA MET C 220 -33.94 -4.71 -7.63
C MET C 220 -34.18 -4.49 -9.13
N GLU C 221 -33.44 -5.23 -9.96
CA GLU C 221 -33.51 -5.12 -11.42
C GLU C 221 -34.71 -5.70 -12.15
N ALA C 222 -34.99 -5.14 -13.33
CA ALA C 222 -36.11 -5.55 -14.17
C ALA C 222 -36.02 -7.03 -14.53
N ASP C 223 -34.79 -7.54 -14.60
CA ASP C 223 -34.55 -8.95 -14.94
C ASP C 223 -35.27 -9.88 -13.97
N SER C 224 -35.57 -9.39 -12.78
CA SER C 224 -36.23 -10.20 -11.75
C SER C 224 -37.53 -10.86 -12.20
N THR C 225 -37.82 -12.02 -11.63
CA THR C 225 -39.05 -12.76 -11.92
C THR C 225 -39.51 -13.44 -10.63
N HIS C 226 -40.81 -13.66 -10.50
CA HIS C 226 -41.37 -14.29 -9.31
C HIS C 226 -42.83 -14.60 -9.56
N ASP C 227 -43.43 -15.45 -8.74
CA ASP C 227 -44.83 -15.77 -8.91
C ASP C 227 -45.68 -15.37 -7.69
N PHE C 228 -45.32 -14.26 -7.06
CA PHE C 228 -46.07 -13.79 -5.90
C PHE C 228 -47.29 -12.97 -6.33
#